data_3IG5
#
_entry.id   3IG5
#
_cell.length_a   117.444
_cell.length_b   117.444
_cell.length_c   165.363
_cell.angle_alpha   90.00
_cell.angle_beta   90.00
_cell.angle_gamma   90.00
#
_symmetry.space_group_name_H-M   'P 43 21 2'
#
loop_
_entity.id
_entity.type
_entity.pdbx_description
1 polymer 'Glutamate-cysteine ligase'
2 non-polymer 'GLUTAMIC ACID'
3 non-polymer 'MAGNESIUM ION'
4 non-polymer 'TRIETHYLENE GLYCOL'
5 water water
#
_entity_poly.entity_id   1
_entity_poly.type   'polypeptide(L)'
_entity_poly.pdbx_seq_one_letter_code
;MGLLALGTPLQWFESRTYNEHIRDEGIEQLLYIFQAAGKRDNDPLFWGDELEYMVVDFDDKERNSMLDV(CSO)HDKILT
ELNMEDSSLCEANDVSFHPEYGRYMLEATPASPYLNYVGSYVEVNMQKRRAIAEYKLSEYARQDSKNNLHVGSRSVPLTL
TVFPRMGCPDFINIKDPWNHKNAASRSLFLPDEVINRHVRFPNLTASIRTRRGEKVCMNVPMYKDIATPETDDSIYDRDW
FLPEDKEAKLASKPGFIYMDSMGFGMGCSCLQVTFQAPNINKARYLYDALVNFAPIMLAFSAAAPAFKGWLADQDVRWNV
ISGAVDDRTPKERGVAPLLPKYNKNGFGGIAKDVQDKVLEIPKSRYSSVDLFLGGSKFFNRTYNDTNVPINEKVLGRLLE
NDKAPLDYDLAKHFAHLYIRDPVSTFEELLNQDNKTSSNHFENIQSTNWQTLRFKPPTQQATPDKKDSPGWRVEFRPFEV
QLLDFENAAYSVLIYLIVDSILTFSDNINAYIHMSKVWENMKIAHHRDAILFEKFHWKKSFRNDTDVETEDYSISEIFHN
PENGIFPQFVTPILCQKGFVTKDWKELKHSSKHERLYYYLKLISDRASGELPTTAKFFRNFVLQHPDYKHDSKISKSINY
DLLSTCDRLTHLDDSKGELTSFLGAEIAEYVKKNKPSIESKCDKLAAALGHHHHHH
;
_entity_poly.pdbx_strand_id   A
#
# COMPACT_ATOMS: atom_id res chain seq x y z
N GLY A 2 0.06 -2.10 18.28
CA GLY A 2 1.26 -1.93 19.15
C GLY A 2 2.10 -0.71 18.78
N LEU A 3 2.92 -0.26 19.73
CA LEU A 3 3.94 0.77 19.46
C LEU A 3 5.25 0.18 18.94
N LEU A 4 5.97 0.96 18.14
CA LEU A 4 7.26 0.56 17.58
C LEU A 4 8.38 0.57 18.67
N ALA A 5 9.21 -0.48 18.68
CA ALA A 5 10.36 -0.62 19.64
C ALA A 5 11.40 0.52 19.58
N LEU A 6 11.95 0.90 20.74
CA LEU A 6 12.98 1.96 20.84
C LEU A 6 14.42 1.48 20.53
N GLY A 7 15.26 2.41 20.08
CA GLY A 7 16.67 2.14 19.81
C GLY A 7 17.36 3.29 19.11
N THR A 8 18.65 3.12 18.82
CA THR A 8 19.50 4.18 18.26
C THR A 8 19.78 3.82 16.81
N PRO A 9 19.08 4.48 15.86
CA PRO A 9 19.27 4.08 14.49
C PRO A 9 20.63 4.58 14.02
N LEU A 10 21.28 3.80 13.17
CA LEU A 10 22.55 4.19 12.60
C LEU A 10 22.29 4.98 11.32
N GLN A 11 22.95 6.12 11.17
CA GLN A 11 22.81 6.87 9.94
C GLN A 11 23.58 6.17 8.83
N TRP A 12 23.28 6.46 7.56
CA TRP A 12 23.77 5.66 6.43
C TRP A 12 25.30 5.38 6.45
N PHE A 13 26.09 6.43 6.63
CA PHE A 13 27.53 6.28 6.58
C PHE A 13 28.03 5.37 7.69
N GLU A 14 27.29 5.33 8.79
CA GLU A 14 27.62 4.44 9.90
C GLU A 14 27.09 3.00 9.68
N SER A 15 26.01 2.83 8.89
CA SER A 15 25.33 1.53 8.80
C SER A 15 25.72 0.70 7.60
N ARG A 16 26.12 1.37 6.50
CA ARG A 16 26.44 0.67 5.27
C ARG A 16 27.52 -0.36 5.49
N THR A 17 28.39 -0.10 6.45
CA THR A 17 29.45 -1.06 6.74
C THR A 17 28.94 -2.46 7.21
N TYR A 18 27.71 -2.52 7.74
CA TYR A 18 27.17 -3.79 8.20
C TYR A 18 26.23 -4.45 7.17
N ASN A 19 26.18 -3.90 5.96
CA ASN A 19 25.21 -4.37 4.98
C ASN A 19 25.33 -5.86 4.82
N GLU A 20 26.54 -6.29 4.48
CA GLU A 20 26.77 -7.71 4.25
C GLU A 20 26.54 -8.55 5.51
N HIS A 21 26.89 -8.00 6.67
CA HIS A 21 26.70 -8.69 7.94
C HIS A 21 25.21 -8.99 8.12
N ILE A 22 24.41 -7.96 7.92
CA ILE A 22 23.00 -8.05 8.16
C ILE A 22 22.33 -9.01 7.17
N ARG A 23 22.76 -9.00 5.90
CA ARG A 23 22.23 -9.96 4.92
C ARG A 23 22.55 -11.42 5.32
N ASP A 24 23.84 -11.67 5.64
CA ASP A 24 24.31 -12.96 6.10
C ASP A 24 23.48 -13.52 7.22
N GLU A 25 23.41 -12.77 8.32
CA GLU A 25 22.73 -13.24 9.52
C GLU A 25 21.23 -13.42 9.30
N GLY A 26 20.63 -12.57 8.46
CA GLY A 26 19.20 -12.72 8.16
C GLY A 26 18.92 -13.95 7.33
N ILE A 27 19.86 -14.32 6.45
CA ILE A 27 19.68 -15.54 5.65
C ILE A 27 19.68 -16.74 6.58
N GLU A 28 20.62 -16.76 7.52
CA GLU A 28 20.67 -17.78 8.58
C GLU A 28 19.41 -17.78 9.41
N GLN A 29 18.89 -16.60 9.78
CA GLN A 29 17.60 -16.56 10.49
C GLN A 29 16.51 -17.22 9.65
N LEU A 30 16.52 -16.86 8.38
CA LEU A 30 15.56 -17.43 7.45
C LEU A 30 15.64 -18.96 7.41
N LEU A 31 16.87 -19.51 7.36
CA LEU A 31 17.04 -20.97 7.40
C LEU A 31 16.48 -21.57 8.69
N TYR A 32 16.73 -20.96 9.85
CA TYR A 32 16.14 -21.50 11.06
C TYR A 32 14.61 -21.46 10.99
N ILE A 33 14.04 -20.43 10.35
CA ILE A 33 12.59 -20.33 10.18
C ILE A 33 12.08 -21.55 9.39
N PHE A 34 12.73 -21.79 8.25
CA PHE A 34 12.38 -22.97 7.44
C PHE A 34 12.53 -24.26 8.19
N GLN A 35 13.67 -24.39 8.89
CA GLN A 35 13.93 -25.56 9.67
C GLN A 35 12.83 -25.77 10.68
N ALA A 36 12.44 -24.74 11.43
CA ALA A 36 11.37 -24.90 12.42
C ALA A 36 9.95 -25.03 11.92
N ALA A 37 9.60 -24.26 10.88
CA ALA A 37 8.17 -24.06 10.52
C ALA A 37 7.83 -24.57 9.12
N GLY A 38 8.84 -25.02 8.40
CA GLY A 38 8.69 -25.55 7.08
C GLY A 38 7.65 -26.63 6.93
N LYS A 39 7.43 -27.40 7.99
CA LYS A 39 6.46 -28.52 7.89
C LYS A 39 5.14 -28.27 8.57
N ARG A 40 4.85 -27.03 8.95
CA ARG A 40 3.46 -26.75 9.42
C ARG A 40 2.47 -27.25 8.40
N ASP A 41 1.29 -27.68 8.86
CA ASP A 41 0.22 -28.09 7.96
C ASP A 41 -1.13 -27.93 8.61
N ASN A 42 -2.19 -27.85 7.82
CA ASN A 42 -3.52 -27.70 8.36
C ASN A 42 -3.81 -26.39 9.11
N ASP A 43 -3.02 -25.35 8.83
CA ASP A 43 -3.24 -24.04 9.40
C ASP A 43 -4.54 -23.49 8.86
N PRO A 44 -5.38 -22.96 9.74
CA PRO A 44 -6.69 -22.47 9.36
C PRO A 44 -6.56 -21.16 8.60
N LEU A 45 -7.61 -20.78 7.90
CA LEU A 45 -7.59 -19.54 7.15
C LEU A 45 -7.97 -18.37 8.06
N PHE A 46 -7.01 -18.00 8.90
CA PHE A 46 -7.05 -16.73 9.60
C PHE A 46 -6.59 -15.66 8.63
N TRP A 47 -7.29 -14.53 8.69
CA TRP A 47 -6.97 -13.42 7.80
C TRP A 47 -7.34 -12.10 8.51
N GLY A 48 -6.89 -10.96 7.97
CA GLY A 48 -7.22 -9.69 8.60
C GLY A 48 -6.82 -8.58 7.67
N ASP A 49 -7.49 -7.43 7.80
CA ASP A 49 -7.21 -6.27 6.98
C ASP A 49 -6.39 -5.26 7.80
N GLU A 50 -5.89 -4.25 7.11
CA GLU A 50 -5.04 -3.25 7.68
C GLU A 50 -5.46 -1.96 6.96
N LEU A 51 -6.01 -0.96 7.70
CA LEU A 51 -6.42 0.34 7.09
C LEU A 51 -5.49 1.45 7.55
N GLU A 52 -5.34 2.46 6.73
CA GLU A 52 -4.64 3.62 7.14
C GLU A 52 -5.53 4.84 7.02
N TYR A 53 -5.44 5.71 8.02
CA TYR A 53 -6.20 6.93 8.11
C TYR A 53 -5.31 8.17 8.02
N MET A 54 -5.84 9.26 7.50
CA MET A 54 -5.19 10.55 7.72
C MET A 54 -6.09 11.43 8.58
N VAL A 55 -5.53 12.00 9.65
CA VAL A 55 -6.24 12.99 10.48
C VAL A 55 -6.21 14.38 9.82
N VAL A 56 -7.39 14.88 9.49
CA VAL A 56 -7.44 16.10 8.74
C VAL A 56 -8.02 17.18 9.68
N ASP A 57 -7.38 18.34 9.68
CA ASP A 57 -7.83 19.45 10.51
C ASP A 57 -8.62 20.43 9.65
N PHE A 58 -9.92 20.46 9.82
CA PHE A 58 -10.77 21.43 9.08
C PHE A 58 -10.72 22.77 9.81
N ASP A 59 -10.20 23.81 9.15
CA ASP A 59 -10.33 25.20 9.65
C ASP A 59 -11.54 25.81 8.92
N ASP A 60 -12.72 25.64 9.46
CA ASP A 60 -13.92 26.01 8.73
C ASP A 60 -14.08 27.51 8.49
N LYS A 61 -13.65 28.31 9.45
CA LYS A 61 -13.71 29.76 9.29
C LYS A 61 -12.84 30.19 8.09
N GLU A 62 -11.67 29.56 7.96
CA GLU A 62 -10.71 29.93 6.90
C GLU A 62 -10.88 29.08 5.62
N ARG A 63 -11.88 28.18 5.62
CA ARG A 63 -12.09 27.24 4.51
C ARG A 63 -10.76 26.57 4.10
N ASN A 64 -10.03 26.03 5.06
CA ASN A 64 -8.78 25.29 4.77
C ASN A 64 -8.81 23.96 5.52
N SER A 65 -8.58 22.86 4.81
CA SER A 65 -8.41 21.62 5.53
C SER A 65 -6.98 21.15 5.36
N MET A 66 -6.32 20.94 6.47
CA MET A 66 -4.92 20.64 6.53
C MET A 66 -4.76 19.22 7.07
N LEU A 67 -3.58 18.66 6.88
CA LEU A 67 -3.19 17.48 7.63
C LEU A 67 -2.86 17.87 9.07
N ASP A 68 -3.38 17.10 10.03
CA ASP A 68 -3.23 17.43 11.44
C ASP A 68 -1.96 16.75 11.93
N VAL A 69 -0.93 17.52 12.28
CA VAL A 69 0.32 16.89 12.71
C VAL A 69 0.53 17.13 14.20
N HIS A 71 -1.87 15.91 16.73
CA HIS A 71 -2.50 14.96 17.64
C HIS A 71 -1.94 13.56 17.60
N ASP A 72 -0.65 13.46 17.32
CA ASP A 72 -0.03 12.16 17.10
C ASP A 72 0.14 11.35 18.38
N LYS A 73 -0.02 11.97 19.55
CA LYS A 73 0.00 11.25 20.83
C LYS A 73 -1.11 10.17 20.85
N ILE A 74 -2.12 10.32 20.00
CA ILE A 74 -3.23 9.40 19.94
C ILE A 74 -2.73 7.97 19.89
N LEU A 75 -1.61 7.75 19.19
CA LEU A 75 -1.07 6.41 18.98
C LEU A 75 -0.41 5.84 20.22
N THR A 76 0.20 6.67 21.05
CA THR A 76 0.75 6.19 22.32
C THR A 76 -0.35 5.94 23.33
N GLU A 77 -1.30 6.85 23.45
CA GLU A 77 -2.39 6.66 24.42
C GLU A 77 -3.23 5.40 24.14
N LEU A 78 -3.50 5.14 22.86
CA LEU A 78 -4.25 3.92 22.48
C LEU A 78 -3.46 2.65 22.72
N ASN A 79 -2.16 2.78 22.87
CA ASN A 79 -1.32 1.61 23.16
C ASN A 79 -0.87 1.53 24.60
N MET A 80 -1.39 2.44 25.42
CA MET A 80 -0.97 2.55 26.79
C MET A 80 -2.24 2.59 27.64
N GLU A 81 -2.64 3.76 28.13
CA GLU A 81 -3.71 3.80 29.12
C GLU A 81 -5.09 3.47 28.55
N ASP A 82 -5.18 3.50 27.21
CA ASP A 82 -6.43 3.24 26.50
C ASP A 82 -6.35 1.99 25.66
N SER A 83 -5.34 1.19 25.90
CA SER A 83 -5.24 -0.03 25.21
C SER A 83 -6.41 -0.94 25.59
N SER A 84 -6.87 -0.83 26.84
CA SER A 84 -7.96 -1.68 27.32
C SER A 84 -9.22 -1.34 26.55
N LEU A 85 -9.38 -0.08 26.18
CA LEU A 85 -10.50 0.26 25.31
C LEU A 85 -10.44 -0.56 24.01
N CYS A 86 -9.26 -0.61 23.41
CA CYS A 86 -9.05 -1.23 22.11
C CYS A 86 -9.26 -2.74 22.21
N GLU A 87 -8.65 -3.35 23.23
CA GLU A 87 -8.72 -4.79 23.47
C GLU A 87 -10.15 -5.25 23.66
N ALA A 88 -10.89 -4.61 24.55
CA ALA A 88 -12.31 -4.86 24.74
C ALA A 88 -13.11 -4.75 23.41
N ASN A 89 -12.53 -4.03 22.44
CA ASN A 89 -13.20 -3.82 21.18
C ASN A 89 -12.55 -4.54 20.01
N ASP A 90 -11.60 -5.44 20.29
CA ASP A 90 -10.97 -6.20 19.22
C ASP A 90 -10.36 -5.32 18.09
N VAL A 91 -9.73 -4.22 18.47
CA VAL A 91 -9.04 -3.37 17.49
C VAL A 91 -7.65 -3.09 18.01
N SER A 92 -6.76 -2.68 17.12
CA SER A 92 -5.41 -2.40 17.51
C SER A 92 -4.88 -1.30 16.58
N PHE A 93 -4.04 -0.39 17.08
CA PHE A 93 -3.53 0.78 16.34
C PHE A 93 -2.02 0.74 16.29
N HIS A 94 -1.48 1.21 15.16
CA HIS A 94 -0.04 1.19 14.92
C HIS A 94 0.33 2.45 14.19
N PRO A 95 1.59 2.86 14.33
CA PRO A 95 2.20 4.02 13.68
C PRO A 95 2.45 3.74 12.22
N GLU A 96 2.39 4.82 11.41
CA GLU A 96 2.78 4.76 10.02
C GLU A 96 3.73 5.92 9.69
N TYR A 97 4.26 5.93 8.47
CA TYR A 97 5.23 6.94 8.11
C TYR A 97 4.78 8.35 8.46
N GLY A 98 3.52 8.69 8.15
CA GLY A 98 2.99 10.08 8.31
C GLY A 98 2.68 10.39 9.77
N ARG A 99 3.14 11.53 10.23
CA ARG A 99 2.80 11.96 11.61
C ARG A 99 1.28 12.13 11.80
N TYR A 100 0.59 12.40 10.72
CA TYR A 100 -0.87 12.63 10.68
C TYR A 100 -1.63 11.32 10.39
N MET A 101 -0.88 10.24 10.20
CA MET A 101 -1.51 8.98 9.86
C MET A 101 -1.75 8.14 11.09
N LEU A 102 -2.76 7.28 10.97
CA LEU A 102 -3.07 6.23 11.93
C LEU A 102 -3.16 4.96 11.11
N GLU A 103 -2.70 3.85 11.67
CA GLU A 103 -3.00 2.57 11.03
C GLU A 103 -3.72 1.74 12.07
N ALA A 104 -4.68 0.91 11.62
CA ALA A 104 -5.44 0.07 12.56
C ALA A 104 -5.92 -1.26 11.96
N THR A 105 -5.97 -2.29 12.80
CA THR A 105 -6.30 -3.65 12.38
C THR A 105 -7.23 -4.29 13.40
N PRO A 106 -7.94 -5.38 13.03
CA PRO A 106 -8.60 -6.06 14.16
C PRO A 106 -7.47 -6.54 15.15
N ALA A 107 -7.80 -6.81 16.41
CA ALA A 107 -6.75 -7.23 17.35
C ALA A 107 -6.47 -8.74 17.22
N SER A 108 -7.46 -9.48 16.72
CA SER A 108 -7.33 -10.92 16.42
C SER A 108 -7.80 -11.15 15.00
N PRO A 109 -7.15 -12.09 14.29
CA PRO A 109 -7.55 -12.36 12.88
C PRO A 109 -8.98 -12.84 12.75
N TYR A 110 -9.61 -12.50 11.63
CA TYR A 110 -10.85 -13.12 11.23
C TYR A 110 -10.58 -14.62 10.94
N LEU A 111 -11.57 -15.47 11.15
CA LEU A 111 -11.40 -16.89 10.85
C LEU A 111 -12.43 -17.27 9.81
N ASN A 112 -11.97 -17.67 8.60
CA ASN A 112 -12.90 -18.04 7.50
C ASN A 112 -13.84 -16.87 7.21
N TYR A 113 -15.11 -17.17 6.88
CA TYR A 113 -16.06 -16.12 6.47
C TYR A 113 -16.75 -15.50 7.67
N VAL A 114 -16.61 -14.18 7.88
CA VAL A 114 -17.09 -13.53 9.11
C VAL A 114 -18.15 -12.48 8.80
N GLY A 115 -18.63 -12.48 7.56
CA GLY A 115 -19.75 -11.70 7.13
C GLY A 115 -19.49 -10.26 7.38
N SER A 116 -20.40 -9.64 8.12
CA SER A 116 -20.40 -8.18 8.29
C SER A 116 -19.45 -7.69 9.34
N TYR A 117 -18.74 -8.63 9.97
CA TYR A 117 -17.90 -8.29 11.07
C TYR A 117 -16.69 -7.45 10.61
N VAL A 118 -16.21 -7.63 9.40
CA VAL A 118 -15.03 -6.87 8.94
C VAL A 118 -15.42 -5.43 9.07
N GLU A 119 -16.64 -5.14 8.60
CA GLU A 119 -17.10 -3.77 8.54
C GLU A 119 -17.39 -3.22 9.90
N VAL A 120 -17.97 -4.06 10.73
CA VAL A 120 -18.19 -3.71 12.14
C VAL A 120 -16.88 -3.36 12.82
N ASN A 121 -15.87 -4.19 12.61
CA ASN A 121 -14.59 -3.99 13.24
C ASN A 121 -13.94 -2.68 12.73
N MET A 122 -14.01 -2.42 11.45
CA MET A 122 -13.51 -1.15 10.88
C MET A 122 -14.17 0.08 11.48
N GLN A 123 -15.49 -0.02 11.64
CA GLN A 123 -16.26 1.05 12.23
C GLN A 123 -15.84 1.32 13.65
N LYS A 124 -15.49 0.26 14.40
CA LYS A 124 -15.01 0.41 15.77
C LYS A 124 -13.67 1.14 15.80
N ARG A 125 -12.77 0.77 14.86
CA ARG A 125 -11.48 1.46 14.77
C ARG A 125 -11.75 2.93 14.59
N ARG A 126 -12.62 3.26 13.64
CA ARG A 126 -12.89 4.66 13.33
C ARG A 126 -13.54 5.39 14.51
N ALA A 127 -14.48 4.72 15.18
CA ALA A 127 -15.21 5.30 16.31
C ALA A 127 -14.25 5.66 17.43
N ILE A 128 -13.25 4.80 17.65
CA ILE A 128 -12.32 5.05 18.72
C ILE A 128 -11.36 6.22 18.36
N ALA A 129 -10.96 6.30 17.11
CA ALA A 129 -10.09 7.41 16.69
C ALA A 129 -10.86 8.73 16.91
N GLU A 130 -12.11 8.77 16.50
CA GLU A 130 -12.95 10.00 16.56
C GLU A 130 -13.21 10.29 18.02
N TYR A 131 -13.42 9.24 18.80
CA TYR A 131 -13.56 9.40 20.26
C TYR A 131 -12.34 10.14 20.85
N LYS A 132 -11.12 9.62 20.62
CA LYS A 132 -9.88 10.28 21.08
C LYS A 132 -9.80 11.72 20.57
N LEU A 133 -10.12 11.91 19.32
CA LEU A 133 -10.07 13.29 18.77
C LEU A 133 -11.09 14.23 19.44
N SER A 134 -12.28 13.74 19.76
CA SER A 134 -13.26 14.59 20.49
C SER A 134 -12.76 14.89 21.92
N GLU A 135 -12.16 13.90 22.58
CA GLU A 135 -11.49 14.13 23.86
C GLU A 135 -10.45 15.27 23.75
N TYR A 136 -9.54 15.20 22.79
CA TYR A 136 -8.54 16.27 22.62
C TYR A 136 -9.21 17.59 22.35
N ALA A 137 -10.35 17.56 21.69
CA ALA A 137 -10.96 18.80 21.30
C ALA A 137 -11.51 19.43 22.58
N ARG A 138 -11.80 18.60 23.56
CA ARG A 138 -12.37 19.10 24.83
C ARG A 138 -11.26 19.69 25.69
N GLN A 139 -10.16 18.97 25.82
CA GLN A 139 -8.95 19.47 26.43
C GLN A 139 -8.46 20.75 25.74
N ASP A 140 -8.20 20.69 24.42
CA ASP A 140 -7.68 21.84 23.67
C ASP A 140 -8.54 23.04 23.95
N SER A 141 -9.86 22.84 24.08
CA SER A 141 -10.79 23.95 24.34
C SER A 141 -10.51 24.66 25.68
N LYS A 142 -10.52 23.87 26.77
CA LYS A 142 -10.14 24.31 28.11
C LYS A 142 -8.73 24.92 28.19
N ASN A 143 -7.80 24.50 27.33
CA ASN A 143 -6.43 25.05 27.34
C ASN A 143 -6.26 26.16 26.30
N ASN A 144 -7.39 26.60 25.75
CA ASN A 144 -7.46 27.45 24.58
C ASN A 144 -6.40 27.16 23.49
N LEU A 145 -6.51 26.01 22.85
CA LEU A 145 -5.59 25.62 21.77
C LEU A 145 -6.43 25.11 20.61
N HIS A 146 -5.84 25.11 19.41
CA HIS A 146 -6.53 24.69 18.19
C HIS A 146 -7.99 25.20 18.14
N VAL A 147 -8.21 26.46 18.53
CA VAL A 147 -9.53 27.09 18.33
C VAL A 147 -9.91 27.18 16.83
N GLY A 148 -11.22 27.08 16.57
CA GLY A 148 -11.74 26.96 15.22
C GLY A 148 -11.51 25.61 14.49
N SER A 149 -10.63 24.77 15.05
CA SER A 149 -10.26 23.50 14.42
C SER A 149 -11.18 22.35 14.72
N ARG A 150 -11.26 21.44 13.76
CA ARG A 150 -12.07 20.28 13.84
C ARG A 150 -11.30 19.13 13.17
N SER A 151 -10.87 18.13 13.94
CA SER A 151 -10.09 17.00 13.40
C SER A 151 -10.95 15.78 13.14
N VAL A 152 -10.78 15.20 11.93
CA VAL A 152 -11.53 14.04 11.45
C VAL A 152 -10.58 13.05 10.80
N PRO A 153 -10.60 11.77 11.22
CA PRO A 153 -9.83 10.75 10.48
C PRO A 153 -10.57 10.37 9.17
N LEU A 154 -9.90 10.52 8.02
CA LEU A 154 -10.46 10.12 6.78
C LEU A 154 -9.53 9.07 6.16
N THR A 155 -10.15 8.06 5.55
CA THR A 155 -9.44 7.04 4.78
C THR A 155 -9.34 7.55 3.35
N LEU A 156 -8.43 8.51 3.18
CA LEU A 156 -8.04 9.02 1.86
C LEU A 156 -6.78 8.26 1.40
N THR A 157 -6.63 7.99 0.11
CA THR A 157 -5.42 7.45 -0.44
C THR A 157 -4.31 8.55 -0.48
N VAL A 158 -4.65 9.74 -0.98
CA VAL A 158 -3.67 10.81 -1.14
C VAL A 158 -4.32 12.05 -0.52
N PHE A 159 -3.50 12.89 0.12
CA PHE A 159 -4.02 14.17 0.57
C PHE A 159 -3.81 15.12 -0.60
N PRO A 160 -4.91 15.61 -1.23
CA PRO A 160 -4.77 16.30 -2.50
C PRO A 160 -3.79 17.50 -2.50
N ARG A 161 -3.62 18.15 -1.35
CA ARG A 161 -2.74 19.33 -1.25
C ARG A 161 -1.44 19.09 -0.51
N MET A 162 -0.95 17.85 -0.51
CA MET A 162 0.27 17.54 0.18
C MET A 162 1.38 18.44 -0.36
N GLY A 163 2.22 18.98 0.52
CA GLY A 163 3.37 19.80 0.05
C GLY A 163 2.95 21.14 -0.58
N CYS A 164 1.74 21.61 -0.32
CA CYS A 164 1.25 22.91 -0.84
C CYS A 164 1.12 23.92 0.32
N PRO A 165 1.09 25.24 0.00
CA PRO A 165 0.99 26.21 1.12
C PRO A 165 -0.19 25.96 2.07
N ASP A 166 0.14 26.01 3.36
CA ASP A 166 -0.83 25.97 4.44
C ASP A 166 -1.43 24.58 4.54
N PHE A 167 -0.71 23.57 4.07
CA PHE A 167 -1.29 22.21 4.07
C PHE A 167 -1.20 21.50 5.43
N ILE A 168 -0.32 21.97 6.32
CA ILE A 168 -0.26 21.41 7.69
C ILE A 168 -0.59 22.43 8.75
N ASN A 169 -1.12 21.99 9.89
CA ASN A 169 -1.57 22.90 10.94
C ASN A 169 -0.44 23.29 11.92
N ILE A 170 0.68 23.75 11.37
CA ILE A 170 1.79 24.38 12.09
C ILE A 170 1.94 25.72 11.39
N LYS A 171 1.97 26.85 12.11
CA LYS A 171 1.82 28.17 11.37
C LYS A 171 2.90 28.56 10.32
N ASP A 172 4.17 28.38 10.68
CA ASP A 172 5.28 28.86 9.86
C ASP A 172 6.37 27.77 9.88
N PRO A 173 6.10 26.64 9.17
CA PRO A 173 6.94 25.46 9.32
C PRO A 173 8.26 25.64 8.56
N TRP A 174 8.35 26.67 7.72
CA TRP A 174 9.62 26.91 7.04
C TRP A 174 10.53 27.90 7.82
N ASN A 175 10.21 28.17 9.09
CA ASN A 175 11.09 28.97 9.96
C ASN A 175 12.25 28.14 10.56
N HIS A 176 12.48 26.98 9.97
CA HIS A 176 13.57 26.08 10.36
C HIS A 176 13.73 25.12 9.20
N LYS A 177 14.88 24.45 9.15
CA LYS A 177 15.21 23.57 8.01
C LYS A 177 14.71 22.15 8.30
N ASN A 178 14.44 21.42 7.23
CA ASN A 178 13.90 20.06 7.29
C ASN A 178 15.00 19.12 6.78
N ALA A 179 15.94 18.79 7.66
CA ALA A 179 17.20 18.15 7.29
C ALA A 179 17.09 16.65 6.95
N ALA A 180 15.99 16.02 7.34
CA ALA A 180 15.75 14.63 6.99
C ALA A 180 15.46 14.46 5.51
N SER A 181 14.42 15.13 4.97
CA SER A 181 14.05 14.95 3.57
C SER A 181 14.77 15.93 2.67
N ARG A 182 15.06 17.12 3.23
CA ARG A 182 15.59 18.26 2.45
C ARG A 182 14.63 18.62 1.29
N SER A 183 13.35 18.28 1.47
CA SER A 183 12.35 18.54 0.47
C SER A 183 12.12 20.04 0.29
N LEU A 184 11.86 20.45 -0.95
CA LEU A 184 11.26 21.75 -1.21
C LEU A 184 9.80 21.89 -0.71
N PHE A 185 9.09 20.78 -0.47
CA PHE A 185 7.65 20.92 -0.19
C PHE A 185 7.18 20.41 1.16
N LEU A 186 7.86 19.40 1.71
CA LEU A 186 7.48 18.79 2.95
C LEU A 186 8.43 19.09 4.12
N PRO A 187 7.95 19.92 5.06
CA PRO A 187 8.60 20.01 6.35
C PRO A 187 8.67 18.61 6.96
N ASP A 188 9.69 18.31 7.77
CA ASP A 188 9.83 16.98 8.30
C ASP A 188 8.79 16.72 9.37
N GLU A 189 7.94 17.72 9.63
CA GLU A 189 6.80 17.47 10.56
C GLU A 189 5.78 16.51 9.98
N VAL A 190 5.85 16.23 8.68
CA VAL A 190 4.98 15.26 8.03
C VAL A 190 5.38 13.86 8.48
N ILE A 191 6.57 13.73 9.06
CA ILE A 191 7.10 12.42 9.47
C ILE A 191 6.74 12.10 10.94
N ASN A 192 6.16 10.93 11.16
CA ASN A 192 6.03 10.32 12.47
C ASN A 192 7.31 10.44 13.32
N ARG A 193 7.11 10.73 14.62
CA ARG A 193 8.18 10.98 15.56
C ARG A 193 9.09 9.79 15.88
N HIS A 194 8.64 8.57 15.59
N HIS A 194 8.62 8.56 15.64
CA HIS A 194 9.41 7.37 15.93
CA HIS A 194 9.46 7.40 15.96
C HIS A 194 10.67 7.30 15.06
C HIS A 194 10.68 7.51 15.10
N VAL A 195 11.84 7.26 15.71
CA VAL A 195 13.14 7.53 15.05
C VAL A 195 13.35 6.77 13.74
N ARG A 196 12.82 5.55 13.67
CA ARG A 196 12.85 4.75 12.45
C ARG A 196 12.49 5.56 11.19
N PHE A 197 11.48 6.42 11.26
CA PHE A 197 10.92 7.03 10.02
C PHE A 197 11.80 8.15 9.41
N PRO A 198 12.29 9.08 10.25
CA PRO A 198 13.28 10.07 9.75
C PRO A 198 14.60 9.40 9.36
N ASN A 199 14.98 8.35 10.08
CA ASN A 199 16.19 7.59 9.74
C ASN A 199 16.15 6.92 8.35
N LEU A 200 15.05 6.23 8.07
CA LEU A 200 14.79 5.71 6.74
C LEU A 200 14.75 6.83 5.67
N THR A 201 14.16 7.99 5.98
CA THR A 201 14.06 9.09 5.03
C THR A 201 15.46 9.52 4.59
N ALA A 202 16.30 9.74 5.59
CA ALA A 202 17.66 10.23 5.45
C ALA A 202 18.52 9.16 4.75
N SER A 203 18.50 7.92 5.28
CA SER A 203 19.30 6.84 4.68
C SER A 203 19.06 6.64 3.20
N ILE A 204 17.80 6.61 2.78
CA ILE A 204 17.53 6.38 1.36
C ILE A 204 18.07 7.54 0.55
N ARG A 205 17.89 8.76 1.05
CA ARG A 205 18.37 9.93 0.27
C ARG A 205 19.91 10.01 0.18
N THR A 206 20.60 9.69 1.27
CA THR A 206 22.06 9.59 1.21
C THR A 206 22.51 8.46 0.29
N ARG A 207 21.89 7.29 0.40
CA ARG A 207 22.40 6.15 -0.37
C ARG A 207 22.27 6.49 -1.85
N ARG A 208 21.09 7.00 -2.22
CA ARG A 208 20.76 7.43 -3.57
C ARG A 208 21.71 8.55 -4.05
N GLY A 209 22.12 9.44 -3.16
CA GLY A 209 22.96 10.59 -3.54
C GLY A 209 22.19 11.67 -4.30
N GLU A 210 20.87 11.50 -4.40
CA GLU A 210 19.97 12.56 -4.90
C GLU A 210 18.64 12.34 -4.17
N LYS A 211 17.79 13.35 -4.15
CA LYS A 211 16.45 13.16 -3.59
C LYS A 211 15.69 12.14 -4.43
N VAL A 212 14.78 11.42 -3.78
CA VAL A 212 13.78 10.64 -4.54
C VAL A 212 13.14 11.63 -5.49
N CYS A 213 12.67 11.16 -6.63
CA CYS A 213 12.07 12.03 -7.64
C CYS A 213 10.88 11.28 -8.23
N MET A 214 9.73 11.91 -8.29
CA MET A 214 8.56 11.24 -8.82
C MET A 214 7.87 12.29 -9.68
N ASN A 215 7.95 12.11 -10.99
CA ASN A 215 7.24 12.97 -11.93
C ASN A 215 5.96 12.32 -12.38
N VAL A 216 4.82 12.94 -12.06
CA VAL A 216 3.53 12.34 -12.44
C VAL A 216 2.90 13.20 -13.54
N PRO A 217 2.41 12.55 -14.62
CA PRO A 217 1.85 13.37 -15.70
C PRO A 217 0.67 14.23 -15.21
N MET A 218 0.71 15.49 -15.62
CA MET A 218 -0.29 16.43 -15.25
C MET A 218 -1.47 16.31 -16.18
N TYR A 219 -2.68 16.49 -15.65
CA TYR A 219 -3.84 16.60 -16.49
C TYR A 219 -3.65 17.87 -17.34
N LYS A 220 -4.06 17.83 -18.59
CA LYS A 220 -3.70 18.94 -19.46
C LYS A 220 -4.99 19.66 -19.83
N ASP A 221 -5.44 20.54 -18.97
CA ASP A 221 -6.64 21.36 -19.21
C ASP A 221 -6.27 22.62 -20.03
N ILE A 222 -7.28 23.37 -20.43
CA ILE A 222 -7.09 24.39 -21.45
C ILE A 222 -6.05 25.44 -21.01
N ALA A 223 -6.03 25.77 -19.71
CA ALA A 223 -5.13 26.81 -19.21
C ALA A 223 -4.05 26.26 -18.31
N THR A 224 -3.76 24.96 -18.38
CA THR A 224 -2.77 24.32 -17.48
C THR A 224 -1.35 24.83 -17.80
N PRO A 225 -0.59 25.27 -16.80
CA PRO A 225 0.80 25.68 -17.10
C PRO A 225 1.62 24.60 -17.81
N GLU A 226 2.63 25.02 -18.56
CA GLU A 226 3.47 24.05 -19.26
C GLU A 226 4.50 23.41 -18.35
N THR A 227 4.81 24.07 -17.23
CA THR A 227 5.63 23.42 -16.19
C THR A 227 4.93 23.45 -14.83
N ASP A 228 5.40 22.59 -13.92
CA ASP A 228 4.98 22.62 -12.52
C ASP A 228 5.47 23.94 -11.87
N ASP A 229 4.62 24.96 -11.93
CA ASP A 229 5.04 26.30 -11.46
C ASP A 229 5.15 26.43 -9.95
N SER A 230 5.15 25.30 -9.22
CA SER A 230 5.38 25.35 -7.80
C SER A 230 6.88 25.17 -7.50
N ILE A 231 7.65 24.74 -8.48
CA ILE A 231 9.09 24.55 -8.24
C ILE A 231 9.76 25.89 -7.95
N TYR A 232 10.67 25.92 -6.99
CA TYR A 232 11.36 27.18 -6.73
C TYR A 232 12.84 26.90 -6.45
N ASP A 233 13.67 27.94 -6.61
CA ASP A 233 15.06 27.81 -6.21
C ASP A 233 15.16 28.02 -4.70
N ARG A 234 16.12 27.35 -4.06
CA ARG A 234 16.36 27.54 -2.64
C ARG A 234 17.84 27.33 -2.45
N ASP A 235 18.35 27.72 -1.29
CA ASP A 235 19.79 27.60 -1.00
C ASP A 235 20.06 27.08 0.40
N TRP A 236 19.25 26.15 0.91
CA TRP A 236 19.51 25.61 2.23
C TRP A 236 20.43 24.45 2.14
N PHE A 237 20.29 23.68 1.06
CA PHE A 237 20.86 22.34 0.97
C PHE A 237 21.49 22.14 -0.37
N LEU A 238 22.74 21.69 -0.35
CA LEU A 238 23.42 21.25 -1.58
C LEU A 238 23.80 19.83 -1.32
N PRO A 239 23.62 18.95 -2.32
CA PRO A 239 23.10 19.32 -3.68
C PRO A 239 21.59 19.48 -3.84
N GLU A 240 20.83 19.10 -2.82
CA GLU A 240 19.39 18.81 -3.00
C GLU A 240 18.59 20.01 -3.53
N ASP A 241 18.96 21.21 -3.08
CA ASP A 241 18.24 22.41 -3.54
C ASP A 241 18.47 22.77 -5.00
N LYS A 242 19.45 22.09 -5.63
CA LYS A 242 19.73 22.33 -7.04
C LYS A 242 19.22 21.23 -7.97
N GLU A 243 18.57 20.20 -7.40
CA GLU A 243 18.12 19.06 -8.20
C GLU A 243 16.85 19.28 -8.98
N ALA A 244 15.91 20.07 -8.47
CA ALA A 244 14.60 20.24 -9.14
C ALA A 244 14.65 20.66 -10.59
N LYS A 245 15.56 21.61 -10.92
CA LYS A 245 15.66 22.15 -12.28
C LYS A 245 16.05 21.08 -13.27
N LEU A 246 16.90 20.17 -12.78
CA LEU A 246 17.41 19.05 -13.59
C LEU A 246 16.45 17.83 -13.61
N ALA A 247 15.73 17.61 -12.50
CA ALA A 247 14.94 16.38 -12.28
C ALA A 247 13.47 16.47 -12.73
N SER A 248 12.89 17.67 -12.69
CA SER A 248 11.52 17.86 -13.13
C SER A 248 11.36 17.84 -14.65
N LYS A 249 10.13 17.86 -15.14
CA LYS A 249 9.88 17.75 -16.56
C LYS A 249 8.64 18.50 -16.90
N PRO A 250 8.68 19.26 -18.01
CA PRO A 250 7.43 19.95 -18.42
C PRO A 250 6.23 18.99 -18.62
N GLY A 251 5.07 19.38 -18.11
CA GLY A 251 3.87 18.51 -18.18
C GLY A 251 3.79 17.46 -17.05
N PHE A 252 4.74 17.54 -16.12
CA PHE A 252 4.73 16.65 -14.95
C PHE A 252 4.77 17.38 -13.59
N ILE A 253 3.88 16.98 -12.69
CA ILE A 253 3.96 17.28 -11.27
C ILE A 253 5.26 16.73 -10.68
N TYR A 254 6.09 17.57 -10.07
CA TYR A 254 7.37 17.13 -9.51
C TYR A 254 7.24 16.89 -8.00
N MET A 255 7.64 15.70 -7.51
CA MET A 255 7.65 15.42 -6.05
C MET A 255 9.01 14.92 -5.66
N ASP A 256 9.46 15.23 -4.46
CA ASP A 256 10.85 15.01 -4.14
C ASP A 256 11.09 14.51 -2.73
N SER A 257 10.08 13.81 -2.16
CA SER A 257 10.16 13.47 -0.76
C SER A 257 9.45 12.17 -0.46
N MET A 258 9.98 11.37 0.47
CA MET A 258 9.31 10.08 0.84
C MET A 258 7.79 10.21 1.22
N GLY A 259 7.50 11.26 1.96
CA GLY A 259 6.16 11.69 2.37
C GLY A 259 5.13 11.73 1.29
N PHE A 260 5.52 12.11 0.08
CA PHE A 260 4.53 12.10 -0.99
C PHE A 260 4.00 10.69 -1.34
N GLY A 261 4.77 9.65 -0.97
CA GLY A 261 4.39 8.28 -1.28
C GLY A 261 4.07 7.53 -0.01
N MET A 262 5.02 7.44 0.90
CA MET A 262 4.70 6.73 2.14
C MET A 262 3.79 7.53 3.01
N GLY A 263 3.52 8.76 2.59
CA GLY A 263 2.48 9.58 3.23
C GLY A 263 1.08 9.42 2.59
N CYS A 264 0.95 8.38 1.75
CA CYS A 264 -0.32 7.97 1.12
C CYS A 264 -0.82 6.74 1.83
N SER A 265 -2.11 6.43 1.72
CA SER A 265 -2.69 5.29 2.45
C SER A 265 -3.25 4.16 1.56
N CYS A 266 -3.37 2.95 2.11
CA CYS A 266 -3.84 1.81 1.33
C CYS A 266 -4.66 0.90 2.18
N LEU A 267 -5.35 -0.02 1.53
CA LEU A 267 -5.99 -1.11 2.23
C LEU A 267 -5.14 -2.37 1.94
N GLN A 268 -4.72 -3.11 2.97
CA GLN A 268 -3.93 -4.31 2.76
C GLN A 268 -4.62 -5.49 3.45
N VAL A 269 -4.56 -6.70 2.88
CA VAL A 269 -5.26 -7.86 3.51
C VAL A 269 -4.30 -9.07 3.49
N THR A 270 -4.15 -9.72 4.64
CA THR A 270 -3.21 -10.82 4.86
C THR A 270 -3.98 -12.11 5.16
N PHE A 271 -3.53 -13.23 4.57
CA PHE A 271 -4.22 -14.50 4.61
C PHE A 271 -3.24 -15.59 4.98
N GLN A 272 -3.70 -16.54 5.78
CA GLN A 272 -2.85 -17.65 6.18
C GLN A 272 -3.29 -18.84 5.41
N ALA A 273 -2.33 -19.49 4.77
CA ALA A 273 -2.55 -20.68 3.96
C ALA A 273 -2.26 -21.96 4.79
N PRO A 274 -2.84 -23.13 4.41
CA PRO A 274 -2.62 -24.33 5.20
C PRO A 274 -1.20 -24.69 5.40
N ASN A 275 -0.30 -24.35 4.48
CA ASN A 275 1.10 -24.71 4.62
C ASN A 275 1.87 -23.91 3.63
N ILE A 276 3.20 -24.06 3.66
CA ILE A 276 4.06 -23.32 2.72
C ILE A 276 3.73 -23.57 1.27
N ASN A 277 3.32 -24.80 0.93
CA ASN A 277 3.11 -25.09 -0.46
C ASN A 277 1.85 -24.40 -0.99
N LYS A 278 0.78 -24.44 -0.21
CA LYS A 278 -0.43 -23.74 -0.52
C LYS A 278 -0.16 -22.21 -0.51
N ALA A 279 0.72 -21.74 0.35
CA ALA A 279 1.02 -20.33 0.42
C ALA A 279 1.73 -19.90 -0.89
N ARG A 280 2.64 -20.74 -1.39
CA ARG A 280 3.30 -20.43 -2.68
C ARG A 280 2.30 -20.44 -3.84
N TYR A 281 1.39 -21.39 -3.77
CA TYR A 281 0.38 -21.51 -4.81
C TYR A 281 -0.54 -20.24 -4.86
N LEU A 282 -0.97 -19.80 -3.69
CA LEU A 282 -1.89 -18.73 -3.55
C LEU A 282 -1.18 -17.45 -3.95
N TYR A 283 0.08 -17.30 -3.52
CA TYR A 283 0.84 -16.06 -3.84
C TYR A 283 0.89 -15.89 -5.35
N ASP A 284 1.37 -16.94 -6.03
CA ASP A 284 1.50 -16.95 -7.49
C ASP A 284 0.16 -16.62 -8.19
N ALA A 285 -0.93 -17.25 -7.76
CA ALA A 285 -2.28 -17.05 -8.34
C ALA A 285 -2.84 -15.63 -8.21
N LEU A 286 -2.30 -14.89 -7.23
CA LEU A 286 -2.78 -13.54 -6.95
C LEU A 286 -1.97 -12.48 -7.69
N VAL A 287 -0.91 -12.90 -8.35
CA VAL A 287 0.03 -11.98 -8.98
C VAL A 287 -0.67 -11.07 -9.98
N ASN A 288 -1.44 -11.61 -10.89
CA ASN A 288 -2.09 -10.74 -11.84
C ASN A 288 -3.37 -10.12 -11.31
N PHE A 289 -3.95 -10.60 -10.21
CA PHE A 289 -5.00 -9.81 -9.58
C PHE A 289 -4.50 -8.43 -9.09
N ALA A 290 -3.21 -8.32 -8.77
CA ALA A 290 -2.73 -7.07 -8.21
C ALA A 290 -3.00 -5.88 -9.15
N PRO A 291 -2.47 -5.88 -10.39
CA PRO A 291 -2.73 -4.70 -11.24
C PRO A 291 -4.20 -4.47 -11.56
N ILE A 292 -4.99 -5.54 -11.64
CA ILE A 292 -6.40 -5.41 -11.90
C ILE A 292 -7.07 -4.69 -10.73
N MET A 293 -6.72 -5.09 -9.50
CA MET A 293 -7.35 -4.48 -8.32
C MET A 293 -6.88 -3.04 -8.10
N LEU A 294 -5.63 -2.76 -8.46
CA LEU A 294 -5.11 -1.39 -8.40
C LEU A 294 -5.96 -0.44 -9.33
N ALA A 295 -6.13 -0.79 -10.58
CA ALA A 295 -6.96 -0.08 -11.52
C ALA A 295 -8.44 0.03 -11.02
N PHE A 296 -8.96 -1.10 -10.53
CA PHE A 296 -10.32 -1.18 -10.01
C PHE A 296 -10.61 -0.24 -8.83
N SER A 297 -9.70 -0.19 -7.88
CA SER A 297 -9.91 0.52 -6.63
C SER A 297 -9.36 1.94 -6.67
N ALA A 298 -8.91 2.41 -7.84
CA ALA A 298 -8.33 3.75 -7.98
C ALA A 298 -9.00 4.81 -7.11
N ALA A 299 -8.17 5.52 -6.34
CA ALA A 299 -8.66 6.60 -5.43
C ALA A 299 -7.69 7.78 -5.35
N ALA A 300 -6.76 7.92 -6.30
CA ALA A 300 -5.72 8.99 -6.22
C ALA A 300 -5.57 9.81 -7.53
N PRO A 301 -6.50 10.72 -7.84
CA PRO A 301 -6.33 11.44 -9.08
C PRO A 301 -5.61 12.81 -9.04
N ALA A 302 -5.05 13.14 -7.89
CA ALA A 302 -4.50 14.45 -7.65
C ALA A 302 -3.25 14.27 -6.81
N PHE A 303 -2.19 15.02 -7.09
CA PHE A 303 -0.96 15.07 -6.26
C PHE A 303 -0.48 16.51 -6.11
N LYS A 304 -0.03 16.86 -4.89
CA LYS A 304 0.62 18.14 -4.65
C LYS A 304 -0.12 19.26 -5.38
N GLY A 305 -1.40 19.41 -5.09
CA GLY A 305 -2.16 20.52 -5.61
C GLY A 305 -2.53 20.49 -7.08
N TRP A 306 -2.24 19.40 -7.80
CA TRP A 306 -2.55 19.29 -9.25
C TRP A 306 -3.38 18.07 -9.57
N LEU A 307 -4.36 18.20 -10.47
CA LEU A 307 -5.02 17.04 -11.11
C LEU A 307 -4.01 16.35 -12.02
N ALA A 308 -3.93 15.00 -11.90
CA ALA A 308 -2.95 14.21 -12.65
C ALA A 308 -3.60 13.47 -13.79
N ASP A 309 -2.81 13.09 -14.81
CA ASP A 309 -3.29 12.13 -15.81
C ASP A 309 -3.07 10.67 -15.37
N GLN A 310 -3.51 10.36 -14.15
CA GLN A 310 -3.44 9.01 -13.61
C GLN A 310 -4.35 8.99 -12.42
N ASP A 311 -4.69 7.79 -11.94
CA ASP A 311 -5.78 7.65 -10.95
C ASP A 311 -5.33 6.85 -9.71
N VAL A 312 -4.09 6.39 -9.67
CA VAL A 312 -3.65 5.56 -8.55
C VAL A 312 -2.31 6.09 -7.98
N ARG A 313 -1.92 5.61 -6.80
CA ARG A 313 -0.78 6.13 -6.09
C ARG A 313 0.50 5.35 -6.38
N TRP A 314 0.35 4.17 -7.02
CA TRP A 314 1.41 3.14 -6.94
C TRP A 314 2.78 3.68 -7.34
N ASN A 315 2.84 4.30 -8.53
CA ASN A 315 4.18 4.74 -9.04
C ASN A 315 4.79 5.84 -8.14
N VAL A 316 3.93 6.59 -7.46
CA VAL A 316 4.46 7.62 -6.53
C VAL A 316 5.12 7.02 -5.27
N ILE A 317 4.47 6.04 -4.68
CA ILE A 317 5.13 5.34 -3.59
C ILE A 317 6.37 4.57 -4.05
N SER A 318 6.32 4.04 -5.27
CA SER A 318 7.43 3.30 -5.82
C SER A 318 8.66 4.22 -5.93
N GLY A 319 8.47 5.45 -6.40
CA GLY A 319 9.60 6.38 -6.48
C GLY A 319 9.99 6.95 -5.10
N ALA A 320 9.03 7.02 -4.18
CA ALA A 320 9.20 7.69 -2.88
C ALA A 320 10.22 6.99 -2.00
N VAL A 321 10.53 5.74 -2.29
CA VAL A 321 11.55 5.02 -1.49
C VAL A 321 12.57 4.38 -2.41
N ASP A 322 12.73 4.95 -3.62
CA ASP A 322 13.59 4.30 -4.59
C ASP A 322 15.05 4.68 -4.27
N ASP A 323 15.72 3.81 -3.51
CA ASP A 323 17.10 4.08 -3.08
C ASP A 323 18.18 3.81 -4.11
N ARG A 324 17.80 3.62 -5.37
CA ARG A 324 18.75 3.28 -6.42
C ARG A 324 19.60 4.49 -6.81
N THR A 325 20.91 4.28 -6.76
CA THR A 325 21.91 5.27 -7.25
C THR A 325 21.74 5.43 -8.75
N PRO A 326 22.21 6.53 -9.35
CA PRO A 326 22.17 6.61 -10.83
C PRO A 326 22.83 5.41 -11.56
N LYS A 327 23.90 4.85 -10.99
CA LYS A 327 24.51 3.62 -11.51
C LYS A 327 23.53 2.44 -11.54
N GLU A 328 22.79 2.21 -10.45
CA GLU A 328 21.78 1.15 -10.44
C GLU A 328 20.65 1.43 -11.44
N ARG A 329 20.40 2.73 -11.69
CA ARG A 329 19.36 3.11 -12.62
C ARG A 329 19.89 3.24 -14.06
N GLY A 330 21.17 2.93 -14.28
CA GLY A 330 21.81 3.08 -15.59
C GLY A 330 21.66 4.47 -16.23
N VAL A 331 21.72 5.52 -15.39
CA VAL A 331 21.67 6.93 -15.87
C VAL A 331 22.78 7.76 -15.20
N ALA A 332 23.05 8.94 -15.73
CA ALA A 332 24.05 9.83 -15.12
C ALA A 332 23.50 10.51 -13.87
N PRO A 333 24.38 10.84 -12.89
CA PRO A 333 23.93 11.67 -11.78
C PRO A 333 23.49 13.03 -12.30
N LEU A 334 22.56 13.66 -11.59
CA LEU A 334 22.05 14.93 -12.07
C LEU A 334 23.19 15.93 -11.88
N LEU A 335 23.92 15.75 -10.77
CA LEU A 335 25.01 16.64 -10.33
C LEU A 335 26.22 15.81 -9.93
N PRO A 336 27.07 15.47 -10.94
CA PRO A 336 28.27 14.60 -10.87
C PRO A 336 29.30 15.08 -9.89
N LYS A 337 29.33 16.38 -9.63
CA LYS A 337 30.27 16.95 -8.65
C LYS A 337 29.94 16.50 -7.23
N TYR A 338 28.65 16.27 -6.96
CA TYR A 338 28.23 15.77 -5.64
C TYR A 338 28.04 14.25 -5.62
N ASN A 339 27.41 13.74 -6.66
CA ASN A 339 27.12 12.31 -6.74
C ASN A 339 28.24 11.66 -7.53
N LYS A 340 29.27 11.23 -6.78
CA LYS A 340 30.55 10.85 -7.36
C LYS A 340 30.44 9.60 -8.20
N ASN A 341 30.61 9.76 -9.51
CA ASN A 341 30.55 8.62 -10.42
C ASN A 341 29.16 7.94 -10.52
N GLY A 342 28.14 8.50 -9.89
CA GLY A 342 26.82 7.93 -9.93
C GLY A 342 26.65 6.84 -8.89
N PHE A 343 27.57 6.74 -7.94
CA PHE A 343 27.50 5.66 -6.97
C PHE A 343 26.82 6.05 -5.67
N GLY A 344 26.27 7.26 -5.64
CA GLY A 344 25.66 7.82 -4.45
C GLY A 344 26.47 7.59 -3.19
N GLY A 345 25.81 7.09 -2.15
CA GLY A 345 26.47 6.79 -0.91
C GLY A 345 26.95 5.36 -0.78
N ILE A 346 27.13 4.67 -1.89
CA ILE A 346 27.61 3.29 -1.81
C ILE A 346 29.12 3.33 -1.48
N ALA A 347 29.52 2.54 -0.50
CA ALA A 347 30.92 2.52 -0.06
C ALA A 347 31.82 2.09 -1.23
N LYS A 348 32.89 2.85 -1.43
CA LYS A 348 33.91 2.62 -2.49
C LYS A 348 34.31 1.15 -2.65
N ASP A 349 34.68 0.52 -1.55
CA ASP A 349 35.19 -0.83 -1.57
C ASP A 349 34.15 -1.90 -1.94
N VAL A 350 32.91 -1.50 -2.26
CA VAL A 350 31.87 -2.44 -2.71
C VAL A 350 31.16 -1.90 -3.95
N GLN A 351 31.75 -0.88 -4.58
CA GLN A 351 31.17 -0.35 -5.79
C GLN A 351 31.29 -1.33 -6.93
N ASP A 352 32.33 -2.17 -6.89
CA ASP A 352 32.51 -3.21 -7.91
C ASP A 352 31.44 -4.34 -7.86
N LYS A 353 30.69 -4.45 -6.76
CA LYS A 353 29.56 -5.40 -6.68
C LYS A 353 28.21 -4.80 -7.16
N VAL A 354 28.22 -3.54 -7.60
CA VAL A 354 26.98 -2.82 -7.87
C VAL A 354 26.31 -3.33 -9.16
N LEU A 355 25.03 -3.72 -9.06
CA LEU A 355 24.30 -4.22 -10.24
C LEU A 355 23.38 -3.13 -10.77
N GLU A 356 23.05 -3.20 -12.05
CA GLU A 356 21.94 -2.40 -12.58
C GLU A 356 20.66 -3.13 -12.22
N ILE A 357 19.73 -2.39 -11.60
CA ILE A 357 18.48 -2.98 -11.05
C ILE A 357 17.31 -2.31 -11.77
N PRO A 358 16.45 -3.08 -12.43
CA PRO A 358 15.40 -2.46 -13.26
C PRO A 358 14.25 -1.76 -12.47
N LYS A 359 14.02 -2.13 -11.21
CA LYS A 359 12.87 -1.62 -10.47
C LYS A 359 13.22 -1.21 -9.04
N SER A 360 12.49 -0.21 -8.54
CA SER A 360 12.56 0.23 -7.15
C SER A 360 12.33 -0.92 -6.17
N ARG A 361 12.87 -0.80 -4.95
CA ARG A 361 12.60 -1.82 -3.88
C ARG A 361 11.15 -1.77 -3.44
N TYR A 362 10.44 -0.70 -3.85
CA TYR A 362 8.99 -0.64 -3.72
C TYR A 362 8.49 -0.86 -5.16
N SER A 363 8.04 -2.07 -5.48
CA SER A 363 7.59 -2.39 -6.85
C SER A 363 6.86 -3.69 -6.93
N SER A 364 6.18 -3.94 -8.06
CA SER A 364 5.37 -5.17 -8.23
C SER A 364 6.16 -6.49 -8.12
N VAL A 365 5.51 -7.58 -7.69
CA VAL A 365 6.18 -8.89 -7.52
C VAL A 365 7.14 -9.15 -8.68
N ASP A 366 8.40 -9.50 -8.41
CA ASP A 366 9.27 -9.85 -9.55
C ASP A 366 9.18 -11.29 -10.08
N LEU A 367 8.88 -12.24 -9.23
CA LEU A 367 9.08 -13.66 -9.53
C LEU A 367 7.92 -14.46 -9.00
N PHE A 368 7.42 -15.41 -9.79
CA PHE A 368 6.61 -16.48 -9.26
C PHE A 368 7.52 -17.36 -8.41
N LEU A 369 6.99 -17.86 -7.31
CA LEU A 369 7.73 -18.69 -6.40
C LEU A 369 7.73 -20.12 -6.96
N GLY A 370 6.67 -20.47 -7.70
CA GLY A 370 6.50 -21.80 -8.25
C GLY A 370 6.32 -22.85 -7.19
N GLY A 371 6.65 -24.08 -7.53
CA GLY A 371 6.57 -25.18 -6.59
C GLY A 371 5.23 -25.85 -6.70
N SER A 372 4.40 -25.49 -7.69
CA SER A 372 3.08 -26.14 -7.86
C SER A 372 2.96 -26.80 -9.26
N LYS A 373 1.95 -27.65 -9.50
CA LYS A 373 1.93 -28.42 -10.77
C LYS A 373 1.86 -27.58 -12.05
N PHE A 374 1.23 -26.42 -11.98
CA PHE A 374 1.01 -25.61 -13.17
C PHE A 374 2.19 -24.68 -13.50
N PHE A 375 3.13 -24.57 -12.55
CA PHE A 375 4.23 -23.65 -12.67
C PHE A 375 5.23 -24.19 -13.62
N ASN A 376 5.84 -23.26 -14.37
CA ASN A 376 6.92 -23.53 -15.26
C ASN A 376 7.81 -22.27 -15.18
N ARG A 377 9.11 -22.48 -15.02
CA ARG A 377 10.05 -21.39 -14.80
C ARG A 377 10.08 -20.37 -15.97
N THR A 378 9.68 -20.78 -17.15
CA THR A 378 9.65 -19.85 -18.28
C THR A 378 8.64 -18.69 -18.10
N TYR A 379 7.68 -18.84 -17.17
CA TYR A 379 6.73 -17.75 -16.84
C TYR A 379 7.45 -16.58 -16.17
N ASN A 380 8.58 -16.86 -15.50
CA ASN A 380 9.48 -15.84 -15.01
C ASN A 380 10.37 -15.35 -16.13
N ASP A 381 9.86 -14.43 -16.95
CA ASP A 381 10.52 -14.06 -18.21
C ASP A 381 10.99 -12.60 -18.22
N THR A 382 11.31 -12.03 -17.07
CA THR A 382 11.70 -10.63 -17.02
C THR A 382 13.07 -10.50 -16.41
N ASN A 383 13.59 -9.28 -16.45
CA ASN A 383 14.88 -8.95 -15.83
C ASN A 383 14.80 -8.88 -14.31
N VAL A 384 15.38 -9.85 -13.62
CA VAL A 384 15.32 -9.86 -12.17
C VAL A 384 16.70 -10.21 -11.57
N PRO A 385 17.53 -9.19 -11.34
CA PRO A 385 18.82 -9.38 -10.70
C PRO A 385 18.73 -10.17 -9.40
N ILE A 386 19.72 -11.02 -9.16
CA ILE A 386 19.75 -11.75 -7.91
C ILE A 386 21.11 -11.66 -7.24
N ASN A 387 21.09 -11.85 -5.92
CA ASN A 387 22.29 -11.93 -5.12
C ASN A 387 22.76 -13.37 -5.17
N GLU A 388 23.78 -13.64 -5.97
CA GLU A 388 24.25 -15.04 -6.19
C GLU A 388 24.72 -15.74 -4.93
N LYS A 389 25.35 -14.97 -4.06
CA LYS A 389 25.85 -15.50 -2.81
C LYS A 389 24.69 -16.04 -2.02
N VAL A 390 23.60 -15.27 -1.98
CA VAL A 390 22.39 -15.70 -1.25
C VAL A 390 21.75 -16.95 -1.87
N LEU A 391 21.57 -16.93 -3.19
CA LEU A 391 21.08 -18.10 -3.91
C LEU A 391 21.93 -19.35 -3.52
N GLY A 392 23.27 -19.21 -3.63
CA GLY A 392 24.18 -20.31 -3.30
C GLY A 392 23.85 -20.90 -1.96
N ARG A 393 23.75 -20.03 -0.95
CA ARG A 393 23.55 -20.48 0.41
C ARG A 393 22.16 -21.08 0.72
N LEU A 394 21.12 -20.61 0.03
CA LEU A 394 19.80 -21.17 0.29
C LEU A 394 19.73 -22.51 -0.39
N LEU A 395 20.45 -22.66 -1.50
CA LEU A 395 20.53 -23.96 -2.20
C LEU A 395 21.31 -25.02 -1.39
N GLU A 396 22.47 -24.63 -0.83
CA GLU A 396 23.38 -25.58 -0.15
C GLU A 396 23.71 -25.11 1.26
N ASN A 397 23.02 -25.69 2.22
CA ASN A 397 23.23 -25.41 3.62
C ASN A 397 22.72 -26.65 4.35
N ASP A 398 23.02 -26.73 5.63
CA ASP A 398 22.78 -27.92 6.40
C ASP A 398 21.48 -27.79 7.17
N LYS A 399 20.77 -26.67 7.03
CA LYS A 399 19.57 -26.44 7.85
C LYS A 399 18.25 -26.61 7.08
N ALA A 400 18.21 -26.11 5.85
CA ALA A 400 16.97 -26.19 5.05
C ALA A 400 17.36 -25.83 3.63
N PRO A 401 17.85 -26.85 2.88
CA PRO A 401 18.19 -26.54 1.48
C PRO A 401 16.88 -26.30 0.72
N LEU A 402 16.86 -25.24 -0.10
CA LEU A 402 15.61 -24.83 -0.76
C LEU A 402 15.59 -25.25 -2.23
N ASP A 403 14.41 -25.36 -2.82
CA ASP A 403 14.32 -25.51 -4.27
C ASP A 403 14.78 -24.22 -4.99
N TYR A 404 15.10 -24.35 -6.25
CA TYR A 404 15.73 -23.26 -6.94
C TYR A 404 14.82 -22.03 -7.10
N ASP A 405 13.53 -22.28 -7.29
CA ASP A 405 12.64 -21.16 -7.56
C ASP A 405 12.39 -20.33 -6.30
N LEU A 406 12.25 -20.99 -5.14
CA LEU A 406 12.10 -20.30 -3.88
C LEU A 406 13.37 -19.55 -3.53
N ALA A 407 14.52 -20.21 -3.70
CA ALA A 407 15.81 -19.58 -3.45
C ALA A 407 15.97 -18.30 -4.30
N LYS A 408 15.59 -18.37 -5.56
CA LYS A 408 15.65 -17.20 -6.42
C LYS A 408 14.82 -16.00 -5.90
N HIS A 409 13.66 -16.26 -5.32
CA HIS A 409 12.83 -15.19 -4.75
C HIS A 409 13.60 -14.41 -3.67
N PHE A 410 14.24 -15.14 -2.76
CA PHE A 410 14.90 -14.53 -1.64
C PHE A 410 16.13 -13.86 -2.14
N ALA A 411 16.88 -14.55 -3.03
CA ALA A 411 18.06 -13.95 -3.67
C ALA A 411 17.76 -12.61 -4.37
N HIS A 412 16.55 -12.41 -4.90
CA HIS A 412 16.23 -11.10 -5.53
C HIS A 412 15.98 -10.08 -4.46
N LEU A 413 15.27 -10.47 -3.40
CA LEU A 413 15.04 -9.58 -2.29
C LEU A 413 16.36 -9.09 -1.72
N TYR A 414 17.38 -9.93 -1.75
CA TYR A 414 18.68 -9.60 -1.18
C TYR A 414 19.63 -8.84 -2.08
N ILE A 415 19.15 -8.25 -3.16
CA ILE A 415 20.03 -7.35 -3.88
C ILE A 415 20.05 -5.95 -3.23
N ARG A 416 19.20 -5.73 -2.22
CA ARG A 416 19.01 -4.41 -1.66
C ARG A 416 19.85 -4.34 -0.41
N ASP A 417 20.30 -3.12 -0.07
CA ASP A 417 20.88 -2.87 1.26
C ASP A 417 19.85 -2.58 2.38
N PRO A 418 20.23 -2.91 3.62
CA PRO A 418 19.46 -2.52 4.77
C PRO A 418 19.46 -0.99 4.84
N VAL A 419 18.29 -0.37 5.08
CA VAL A 419 18.21 1.10 5.11
C VAL A 419 17.69 1.70 6.42
N SER A 420 17.59 0.87 7.45
CA SER A 420 17.17 1.29 8.74
C SER A 420 17.61 0.17 9.69
N THR A 421 18.61 0.48 10.53
CA THR A 421 19.20 -0.50 11.46
C THR A 421 19.64 0.11 12.78
N PHE A 422 19.16 -0.46 13.89
CA PHE A 422 19.56 -0.06 15.25
C PHE A 422 20.86 -0.73 15.68
N GLU A 423 21.69 0.06 16.37
CA GLU A 423 22.95 -0.38 16.94
C GLU A 423 22.82 -1.62 17.85
N GLU A 424 21.89 -1.53 18.81
CA GLU A 424 21.60 -2.56 19.80
C GLU A 424 21.30 -3.92 19.18
N LEU A 425 20.97 -3.93 17.89
CA LEU A 425 20.48 -5.15 17.25
C LEU A 425 21.48 -5.85 16.37
N LEU A 426 22.69 -5.30 16.22
CA LEU A 426 23.65 -5.84 15.24
C LEU A 426 23.92 -7.32 15.48
N ASN A 427 23.91 -7.70 16.75
CA ASN A 427 24.14 -9.09 17.09
C ASN A 427 22.93 -9.74 17.67
N GLN A 428 22.53 -10.84 17.04
CA GLN A 428 21.32 -11.51 17.44
C GLN A 428 21.56 -13.00 17.60
N ASP A 429 20.60 -13.60 18.27
CA ASP A 429 20.54 -15.06 18.38
C ASP A 429 19.69 -15.49 17.17
N ASN A 430 20.36 -15.88 16.09
CA ASN A 430 19.71 -16.28 14.85
C ASN A 430 18.70 -17.44 14.97
N LYS A 431 18.80 -18.23 16.05
CA LYS A 431 17.85 -19.28 16.30
C LYS A 431 16.47 -18.77 16.67
N THR A 432 16.43 -17.61 17.31
CA THR A 432 15.16 -17.19 17.91
C THR A 432 14.69 -15.86 17.36
N SER A 433 15.63 -15.08 16.81
CA SER A 433 15.35 -13.78 16.20
C SER A 433 15.16 -13.87 14.67
N SER A 434 14.19 -13.11 14.11
CA SER A 434 14.17 -12.87 12.66
C SER A 434 14.31 -11.39 12.32
N ASN A 435 14.81 -10.60 13.24
CA ASN A 435 14.88 -9.16 13.02
C ASN A 435 15.75 -8.79 11.82
N HIS A 436 16.91 -9.42 11.67
CA HIS A 436 17.76 -9.18 10.48
C HIS A 436 17.10 -9.59 9.14
N PHE A 437 16.41 -10.71 9.14
CA PHE A 437 15.70 -11.09 7.95
C PHE A 437 14.65 -10.00 7.65
N GLU A 438 13.94 -9.57 8.68
CA GLU A 438 12.83 -8.64 8.56
C GLU A 438 13.35 -7.31 8.09
N ASN A 439 14.60 -7.03 8.42
CA ASN A 439 15.22 -5.82 7.95
C ASN A 439 15.00 -5.69 6.42
N ILE A 440 15.31 -6.77 5.71
CA ILE A 440 15.25 -6.82 4.24
C ILE A 440 13.84 -7.17 3.78
N GLN A 441 13.25 -8.20 4.38
CA GLN A 441 11.86 -8.56 4.00
C GLN A 441 10.98 -7.32 4.02
N SER A 442 11.05 -6.58 5.11
CA SER A 442 10.11 -5.51 5.35
C SER A 442 10.34 -4.26 4.49
N THR A 443 11.48 -4.18 3.81
CA THR A 443 11.82 -3.04 2.96
C THR A 443 11.99 -3.46 1.49
N ASN A 444 11.35 -4.58 1.13
CA ASN A 444 11.00 -4.90 -0.23
C ASN A 444 9.48 -4.86 -0.20
N TRP A 445 8.92 -3.81 -0.80
CA TRP A 445 7.49 -3.48 -0.66
C TRP A 445 6.81 -3.80 -1.99
N GLN A 446 6.01 -4.86 -2.07
CA GLN A 446 5.58 -5.29 -3.37
C GLN A 446 4.10 -5.48 -3.41
N THR A 447 3.58 -5.78 -4.59
CA THR A 447 2.16 -5.92 -4.74
C THR A 447 1.61 -7.05 -3.85
N LEU A 448 2.47 -8.00 -3.52
CA LEU A 448 2.05 -9.11 -2.65
C LEU A 448 3.23 -9.26 -1.74
N ARG A 449 3.06 -10.00 -0.66
CA ARG A 449 4.22 -10.33 0.15
C ARG A 449 4.03 -11.77 0.65
N PHE A 450 5.10 -12.53 0.50
CA PHE A 450 5.14 -13.92 0.93
C PHE A 450 5.82 -13.85 2.28
N LYS A 451 5.09 -14.24 3.33
CA LYS A 451 5.52 -13.99 4.70
C LYS A 451 5.76 -15.26 5.52
N PRO A 452 7.04 -15.60 5.76
CA PRO A 452 7.47 -16.69 6.61
C PRO A 452 7.03 -16.42 8.07
N PRO A 453 6.75 -17.50 8.83
CA PRO A 453 6.50 -17.34 10.27
C PRO A 453 7.83 -17.02 11.04
N THR A 454 7.79 -17.07 12.36
CA THR A 454 9.02 -16.98 13.15
C THR A 454 9.52 -18.40 13.48
N GLN A 455 10.74 -18.49 14.02
CA GLN A 455 11.30 -19.76 14.48
C GLN A 455 10.41 -20.42 15.53
N GLN A 456 9.68 -19.60 16.27
CA GLN A 456 8.81 -20.13 17.32
C GLN A 456 7.64 -20.95 16.78
N ALA A 457 7.36 -20.82 15.48
CA ALA A 457 6.12 -21.35 14.90
C ALA A 457 6.22 -22.80 14.44
N THR A 458 6.59 -23.68 15.38
CA THR A 458 6.73 -25.11 15.07
C THR A 458 5.34 -25.75 14.93
N PRO A 459 5.23 -26.83 14.12
CA PRO A 459 3.93 -27.38 13.77
C PRO A 459 3.03 -27.68 14.95
N ASP A 460 3.61 -28.00 16.11
CA ASP A 460 2.82 -28.25 17.32
C ASP A 460 2.05 -27.02 17.84
N LYS A 461 2.62 -25.83 17.65
CA LYS A 461 1.97 -24.57 18.04
C LYS A 461 0.87 -24.18 17.04
N LYS A 462 -0.36 -24.59 17.31
CA LYS A 462 -1.47 -24.42 16.37
C LYS A 462 -1.96 -22.99 16.22
N ASP A 463 -1.58 -22.10 17.14
CA ASP A 463 -2.09 -20.72 17.09
C ASP A 463 -1.07 -19.72 16.60
N SER A 464 0.17 -20.17 16.43
CA SER A 464 1.19 -19.32 15.85
C SER A 464 0.76 -18.96 14.41
N PRO A 465 1.10 -17.74 13.93
CA PRO A 465 0.98 -17.47 12.50
C PRO A 465 1.84 -18.43 11.69
N GLY A 466 1.22 -19.00 10.64
CA GLY A 466 1.90 -19.90 9.69
C GLY A 466 2.43 -19.20 8.44
N TRP A 467 2.29 -19.87 7.27
CA TRP A 467 2.82 -19.28 6.04
C TRP A 467 1.73 -18.40 5.43
N ARG A 468 2.01 -17.10 5.32
CA ARG A 468 0.96 -16.14 4.98
C ARG A 468 1.23 -15.41 3.67
N VAL A 469 0.17 -14.87 3.07
CA VAL A 469 0.30 -14.11 1.84
C VAL A 469 -0.41 -12.80 2.06
N GLU A 470 0.28 -11.67 1.85
CA GLU A 470 -0.35 -10.38 1.92
C GLU A 470 -0.69 -9.85 0.53
N PHE A 471 -1.90 -9.33 0.39
CA PHE A 471 -2.37 -8.67 -0.84
C PHE A 471 -2.29 -7.15 -0.59
N ARG A 472 -1.39 -6.49 -1.32
CA ARG A 472 -1.04 -5.11 -0.96
C ARG A 472 -1.45 -3.96 -1.93
N PRO A 473 -2.07 -4.28 -3.09
CA PRO A 473 -2.25 -3.16 -3.99
C PRO A 473 -3.51 -2.25 -3.82
N PHE A 474 -4.52 -2.63 -3.04
CA PHE A 474 -5.71 -1.81 -2.98
C PHE A 474 -5.45 -0.35 -2.51
N GLU A 475 -6.05 0.64 -3.17
CA GLU A 475 -6.15 1.99 -2.68
C GLU A 475 -7.21 1.99 -1.59
N VAL A 476 -7.08 2.90 -0.63
CA VAL A 476 -8.03 2.94 0.49
C VAL A 476 -9.17 3.83 0.06
N GLN A 477 -10.38 3.39 0.41
CA GLN A 477 -11.59 4.11 0.13
C GLN A 477 -12.11 4.86 1.36
N LEU A 478 -13.00 5.80 1.11
CA LEU A 478 -13.53 6.62 2.20
C LEU A 478 -14.43 5.89 3.19
N LEU A 479 -15.33 5.02 2.69
CA LEU A 479 -16.39 4.47 3.56
C LEU A 479 -15.90 3.13 4.07
N ASP A 480 -16.18 2.83 5.32
CA ASP A 480 -15.93 1.47 5.84
C ASP A 480 -16.71 0.41 5.06
N PHE A 481 -17.87 0.76 4.52
CA PHE A 481 -18.67 -0.20 3.68
C PHE A 481 -17.89 -0.56 2.44
N GLU A 482 -17.19 0.42 1.85
CA GLU A 482 -16.36 0.16 0.63
C GLU A 482 -15.15 -0.72 0.97
N ASN A 483 -14.36 -0.29 1.97
CA ASN A 483 -13.24 -1.08 2.38
C ASN A 483 -13.58 -2.48 2.80
N ALA A 484 -14.71 -2.67 3.50
CA ALA A 484 -15.14 -4.05 3.88
C ALA A 484 -15.51 -4.81 2.62
N ALA A 485 -16.21 -4.14 1.69
CA ALA A 485 -16.57 -4.78 0.43
C ALA A 485 -15.36 -5.37 -0.25
N TYR A 486 -14.28 -4.59 -0.32
CA TYR A 486 -13.10 -5.00 -1.10
C TYR A 486 -12.29 -6.01 -0.31
N SER A 487 -12.34 -5.93 1.03
CA SER A 487 -11.64 -6.94 1.87
C SER A 487 -12.32 -8.32 1.72
N VAL A 488 -13.65 -8.30 1.70
CA VAL A 488 -14.42 -9.58 1.53
C VAL A 488 -14.23 -10.12 0.10
N LEU A 489 -14.16 -9.23 -0.89
CA LEU A 489 -13.78 -9.63 -2.26
C LEU A 489 -12.50 -10.42 -2.36
N ILE A 490 -11.41 -9.85 -1.88
CA ILE A 490 -10.20 -10.60 -1.91
C ILE A 490 -10.30 -11.88 -1.04
N TYR A 491 -11.03 -11.82 0.09
CA TYR A 491 -11.21 -13.03 0.89
C TYR A 491 -11.84 -14.15 0.09
N LEU A 492 -12.96 -13.87 -0.58
CA LEU A 492 -13.66 -14.86 -1.40
C LEU A 492 -12.77 -15.33 -2.54
N ILE A 493 -12.03 -14.42 -3.16
CA ILE A 493 -11.09 -14.83 -4.19
C ILE A 493 -10.05 -15.84 -3.59
N VAL A 494 -9.46 -15.49 -2.48
CA VAL A 494 -8.47 -16.37 -1.83
C VAL A 494 -9.06 -17.74 -1.42
N ASP A 495 -10.21 -17.73 -0.81
CA ASP A 495 -10.83 -18.94 -0.37
C ASP A 495 -11.15 -19.77 -1.61
N SER A 496 -11.60 -19.09 -2.67
CA SER A 496 -11.87 -19.80 -3.93
C SER A 496 -10.58 -20.44 -4.46
N ILE A 497 -9.50 -19.68 -4.50
CA ILE A 497 -8.22 -20.20 -5.01
C ILE A 497 -7.80 -21.43 -4.15
N LEU A 498 -7.93 -21.33 -2.83
CA LEU A 498 -7.40 -22.36 -1.90
C LEU A 498 -8.30 -23.57 -1.98
N THR A 499 -9.61 -23.33 -2.09
CA THR A 499 -10.56 -24.43 -2.24
C THR A 499 -10.43 -25.22 -3.55
N PHE A 500 -10.15 -24.53 -4.67
CA PHE A 500 -10.11 -25.18 -5.95
C PHE A 500 -8.68 -25.34 -6.48
N SER A 501 -7.71 -25.41 -5.59
CA SER A 501 -6.33 -25.41 -6.00
C SER A 501 -5.96 -26.47 -7.02
N ASP A 502 -6.58 -27.65 -6.98
CA ASP A 502 -6.29 -28.66 -8.04
C ASP A 502 -6.68 -28.25 -9.46
N ASN A 503 -7.66 -27.35 -9.62
CA ASN A 503 -8.17 -27.02 -10.94
C ASN A 503 -7.83 -25.62 -11.48
N ILE A 504 -7.30 -24.73 -10.66
CA ILE A 504 -7.02 -23.39 -11.12
C ILE A 504 -5.56 -23.23 -11.52
N ASN A 505 -5.35 -23.00 -12.82
CA ASN A 505 -4.08 -22.58 -13.36
C ASN A 505 -4.13 -21.08 -13.64
N ALA A 506 -3.43 -20.28 -12.82
CA ALA A 506 -3.52 -18.87 -12.97
C ALA A 506 -2.23 -18.28 -13.51
N TYR A 507 -1.33 -19.13 -14.03
CA TYR A 507 -0.05 -18.63 -14.49
C TYR A 507 -0.21 -17.85 -15.76
N ILE A 508 0.46 -16.71 -15.84
CA ILE A 508 0.68 -16.05 -17.11
C ILE A 508 2.06 -15.49 -17.01
N HIS A 509 2.60 -15.04 -18.13
CA HIS A 509 3.97 -14.52 -18.13
C HIS A 509 4.11 -13.21 -17.33
N MET A 510 5.14 -13.15 -16.48
CA MET A 510 5.35 -11.99 -15.64
C MET A 510 5.40 -10.69 -16.43
N SER A 511 5.97 -10.74 -17.61
CA SER A 511 6.19 -9.54 -18.43
C SER A 511 4.82 -8.90 -18.65
N LYS A 512 3.78 -9.75 -18.78
CA LYS A 512 2.44 -9.24 -19.01
C LYS A 512 1.87 -8.53 -17.76
N VAL A 513 2.15 -9.08 -16.60
CA VAL A 513 1.78 -8.48 -15.32
C VAL A 513 2.39 -7.11 -15.14
N TRP A 514 3.69 -7.01 -15.39
CA TRP A 514 4.35 -5.74 -15.29
C TRP A 514 3.71 -4.72 -16.23
N GLU A 515 3.46 -5.13 -17.46
CA GLU A 515 2.76 -4.29 -18.42
C GLU A 515 1.40 -3.86 -17.83
N ASN A 516 0.61 -4.82 -17.32
CA ASN A 516 -0.64 -4.47 -16.62
C ASN A 516 -0.49 -3.36 -15.55
N MET A 517 0.54 -3.50 -14.70
CA MET A 517 0.85 -2.48 -13.67
C MET A 517 0.95 -1.05 -14.24
N LYS A 518 1.49 -0.89 -15.44
CA LYS A 518 1.57 0.44 -16.08
C LYS A 518 0.19 0.87 -16.59
N ILE A 519 -0.50 -0.05 -17.26
CA ILE A 519 -1.82 0.28 -17.76
C ILE A 519 -2.71 0.70 -16.59
N ALA A 520 -2.52 0.04 -15.44
CA ALA A 520 -3.41 0.28 -14.27
C ALA A 520 -3.40 1.73 -13.80
N HIS A 521 -2.33 2.47 -14.14
CA HIS A 521 -2.23 3.85 -13.75
C HIS A 521 -3.04 4.82 -14.59
N HIS A 522 -3.38 4.48 -15.83
CA HIS A 522 -3.99 5.48 -16.72
C HIS A 522 -5.28 6.02 -16.18
N ARG A 523 -5.51 7.31 -16.42
CA ARG A 523 -6.73 7.97 -15.98
C ARG A 523 -7.91 7.23 -16.60
N ASP A 524 -8.93 6.91 -15.80
CA ASP A 524 -10.08 6.16 -16.26
C ASP A 524 -9.81 4.75 -16.84
N ALA A 525 -8.69 4.16 -16.51
CA ALA A 525 -8.39 2.79 -16.96
C ALA A 525 -9.56 1.83 -16.70
N ILE A 526 -10.20 1.97 -15.55
CA ILE A 526 -11.26 1.02 -15.23
C ILE A 526 -12.36 1.10 -16.32
N LEU A 527 -12.50 2.28 -16.94
CA LEU A 527 -13.63 2.54 -17.79
C LEU A 527 -13.37 2.04 -19.20
N PHE A 528 -12.13 2.07 -19.67
CA PHE A 528 -11.95 1.70 -21.08
C PHE A 528 -10.73 0.85 -21.37
N GLU A 529 -9.71 0.86 -20.49
CA GLU A 529 -8.44 0.18 -20.85
C GLU A 529 -8.60 -1.34 -20.83
N LYS A 530 -7.69 -2.01 -21.53
CA LYS A 530 -7.70 -3.45 -21.67
C LYS A 530 -6.45 -4.00 -21.02
N PHE A 531 -6.55 -5.19 -20.43
CA PHE A 531 -5.43 -5.71 -19.68
C PHE A 531 -5.18 -7.17 -20.08
N HIS A 532 -3.96 -7.63 -20.05
CA HIS A 532 -3.69 -9.06 -20.30
C HIS A 532 -4.30 -9.89 -19.18
N TRP A 533 -5.13 -10.87 -19.54
CA TRP A 533 -5.81 -11.67 -18.52
C TRP A 533 -5.94 -13.05 -19.13
N LYS A 534 -5.82 -14.07 -18.30
CA LYS A 534 -5.80 -15.45 -18.73
C LYS A 534 -7.13 -15.78 -19.40
N LYS A 535 -7.04 -16.51 -20.51
CA LYS A 535 -8.23 -16.88 -21.27
C LYS A 535 -9.07 -17.92 -20.54
N SER A 536 -8.40 -18.82 -19.81
CA SER A 536 -9.09 -19.79 -18.98
C SER A 536 -8.22 -20.16 -17.80
N PHE A 537 -8.85 -20.43 -16.67
CA PHE A 537 -8.17 -20.83 -15.46
C PHE A 537 -8.16 -22.32 -15.19
N ARG A 538 -9.08 -23.00 -15.84
CA ARG A 538 -9.35 -24.41 -15.59
C ARG A 538 -8.89 -25.13 -16.85
N ASN A 539 -7.58 -25.45 -16.90
CA ASN A 539 -6.82 -25.87 -18.13
C ASN A 539 -5.31 -26.14 -17.92
N ASP A 540 -4.94 -27.42 -17.94
CA ASP A 540 -3.56 -27.82 -17.70
C ASP A 540 -2.60 -27.32 -18.77
N THR A 541 -1.40 -26.93 -18.33
CA THR A 541 -0.36 -26.49 -19.27
C THR A 541 -0.58 -25.09 -19.84
N ASP A 542 -1.79 -24.82 -20.31
CA ASP A 542 -2.09 -23.57 -21.00
C ASP A 542 -1.92 -22.30 -20.17
N VAL A 543 -1.38 -21.27 -20.84
CA VAL A 543 -1.16 -19.90 -20.28
C VAL A 543 -1.46 -18.73 -21.26
N GLU A 544 -2.34 -19.02 -22.21
CA GLU A 544 -2.84 -18.01 -23.15
C GLU A 544 -3.56 -16.91 -22.40
N THR A 545 -3.29 -15.66 -22.79
CA THR A 545 -4.05 -14.51 -22.32
C THR A 545 -4.65 -13.85 -23.55
N GLU A 546 -5.70 -13.04 -23.34
CA GLU A 546 -6.18 -12.04 -24.31
C GLU A 546 -6.34 -10.72 -23.53
N ASP A 547 -6.68 -9.64 -24.22
CA ASP A 547 -6.79 -8.34 -23.57
C ASP A 547 -8.23 -8.09 -23.34
N TYR A 548 -8.57 -7.86 -22.06
CA TYR A 548 -9.97 -7.74 -21.63
C TYR A 548 -10.14 -6.47 -20.86
N SER A 549 -11.32 -5.88 -20.89
CA SER A 549 -11.57 -4.65 -20.13
C SER A 549 -11.74 -5.09 -18.70
N ILE A 550 -11.72 -4.15 -17.75
CA ILE A 550 -12.00 -4.54 -16.35
C ILE A 550 -13.42 -5.14 -16.26
N SER A 551 -14.37 -4.61 -17.02
CA SER A 551 -15.72 -5.13 -16.93
C SER A 551 -15.82 -6.62 -17.34
N GLU A 552 -15.20 -6.97 -18.48
CA GLU A 552 -15.03 -8.36 -18.92
C GLU A 552 -14.24 -9.18 -17.88
N ILE A 553 -13.16 -8.61 -17.33
CA ILE A 553 -12.32 -9.34 -16.32
C ILE A 553 -13.14 -9.67 -15.08
N PHE A 554 -14.06 -8.78 -14.66
CA PHE A 554 -14.96 -9.18 -13.58
C PHE A 554 -16.08 -10.12 -13.96
N HIS A 555 -16.60 -10.01 -15.17
CA HIS A 555 -17.89 -10.65 -15.41
C HIS A 555 -17.94 -11.72 -16.46
N ASN A 556 -16.85 -11.99 -17.20
CA ASN A 556 -16.89 -12.97 -18.32
C ASN A 556 -17.15 -14.34 -17.78
N PRO A 557 -18.10 -15.09 -18.36
CA PRO A 557 -18.37 -16.46 -17.90
C PRO A 557 -17.15 -17.39 -17.85
N GLU A 558 -16.25 -17.27 -18.83
CA GLU A 558 -15.13 -18.20 -18.98
C GLU A 558 -13.89 -17.94 -18.11
N ASN A 559 -13.67 -16.66 -17.77
CA ASN A 559 -12.46 -16.25 -17.09
C ASN A 559 -12.68 -15.07 -16.13
N GLY A 560 -13.95 -14.78 -15.83
CA GLY A 560 -14.26 -13.59 -15.03
C GLY A 560 -14.15 -13.84 -13.55
N ILE A 561 -13.88 -12.78 -12.77
CA ILE A 561 -13.77 -12.89 -11.31
C ILE A 561 -15.05 -13.46 -10.68
N PHE A 562 -16.19 -12.92 -11.08
CA PHE A 562 -17.42 -13.46 -10.53
C PHE A 562 -17.73 -14.92 -10.95
N PRO A 563 -17.83 -15.21 -12.26
CA PRO A 563 -18.15 -16.57 -12.63
C PRO A 563 -17.11 -17.62 -12.30
N GLN A 564 -15.82 -17.26 -12.18
CA GLN A 564 -14.78 -18.25 -12.01
C GLN A 564 -14.22 -18.28 -10.61
N PHE A 565 -14.40 -17.20 -9.82
CA PHE A 565 -13.87 -17.24 -8.44
C PHE A 565 -14.93 -17.06 -7.39
N VAL A 566 -15.70 -15.98 -7.52
CA VAL A 566 -16.66 -15.56 -6.52
C VAL A 566 -17.86 -16.50 -6.47
N THR A 567 -18.63 -16.60 -7.56
CA THR A 567 -19.81 -17.46 -7.49
C THR A 567 -19.45 -18.93 -7.14
N PRO A 568 -18.40 -19.51 -7.75
CA PRO A 568 -18.14 -20.90 -7.36
C PRO A 568 -17.88 -21.12 -5.86
N ILE A 569 -17.31 -20.13 -5.16
CA ILE A 569 -17.01 -20.42 -3.76
C ILE A 569 -18.25 -20.22 -2.91
N LEU A 570 -19.08 -19.26 -3.29
CA LEU A 570 -20.36 -19.04 -2.68
C LEU A 570 -21.33 -20.22 -2.89
N CYS A 571 -21.33 -20.82 -4.08
CA CYS A 571 -22.12 -22.05 -4.30
CA CYS A 571 -22.07 -22.06 -4.33
C CYS A 571 -21.63 -23.11 -3.32
N GLN A 572 -20.33 -23.30 -3.28
CA GLN A 572 -19.82 -24.41 -2.55
C GLN A 572 -19.89 -24.23 -1.03
N LYS A 573 -20.01 -22.98 -0.59
CA LYS A 573 -20.24 -22.68 0.81
C LYS A 573 -21.71 -22.71 1.11
N GLY A 574 -22.55 -22.95 0.09
CA GLY A 574 -23.97 -23.07 0.31
C GLY A 574 -24.76 -21.77 0.43
N PHE A 575 -24.17 -20.65 0.01
CA PHE A 575 -24.85 -19.36 0.07
C PHE A 575 -25.79 -19.14 -1.10
N VAL A 576 -25.47 -19.75 -2.24
CA VAL A 576 -26.30 -19.60 -3.44
C VAL A 576 -26.29 -20.95 -4.17
N THR A 577 -27.24 -21.11 -5.09
CA THR A 577 -27.28 -22.32 -5.93
C THR A 577 -26.61 -22.03 -7.27
N LYS A 578 -26.98 -20.91 -7.89
CA LYS A 578 -26.52 -20.64 -9.26
C LYS A 578 -25.62 -19.40 -9.42
N ASP A 579 -26.00 -18.33 -8.73
CA ASP A 579 -25.49 -17.01 -9.05
C ASP A 579 -25.37 -16.13 -7.80
N TRP A 580 -24.32 -15.31 -7.73
CA TRP A 580 -24.15 -14.37 -6.62
C TRP A 580 -25.36 -13.46 -6.45
N LYS A 581 -26.03 -13.06 -7.54
CA LYS A 581 -27.18 -12.17 -7.41
C LYS A 581 -28.39 -12.66 -6.60
N GLU A 582 -28.48 -13.96 -6.34
CA GLU A 582 -29.56 -14.46 -5.47
C GLU A 582 -29.39 -14.07 -4.01
N LEU A 583 -28.19 -13.59 -3.65
CA LEU A 583 -27.97 -13.00 -2.33
C LEU A 583 -28.87 -11.79 -2.08
N LYS A 584 -29.34 -11.10 -3.13
CA LYS A 584 -30.22 -9.96 -2.94
C LYS A 584 -31.40 -10.27 -2.02
N HIS A 585 -31.89 -11.51 -2.13
CA HIS A 585 -33.12 -11.93 -1.48
C HIS A 585 -32.86 -12.83 -0.30
N SER A 586 -31.59 -12.93 0.10
CA SER A 586 -31.20 -13.75 1.23
C SER A 586 -31.46 -13.03 2.54
N SER A 587 -31.97 -13.76 3.53
CA SER A 587 -32.21 -13.16 4.84
C SER A 587 -30.85 -12.90 5.53
N LYS A 588 -29.99 -13.92 5.54
CA LYS A 588 -28.69 -13.79 6.23
C LYS A 588 -27.55 -13.07 5.46
N HIS A 589 -27.69 -12.91 4.13
CA HIS A 589 -26.58 -12.48 3.25
C HIS A 589 -26.84 -11.24 2.42
N GLU A 590 -27.81 -10.46 2.82
CA GLU A 590 -28.14 -9.29 2.03
C GLU A 590 -26.98 -8.28 1.92
N ARG A 591 -26.20 -8.10 2.97
CA ARG A 591 -25.22 -7.04 2.89
C ARG A 591 -24.13 -7.45 1.90
N LEU A 592 -23.82 -8.74 1.92
CA LEU A 592 -22.91 -9.33 0.95
C LEU A 592 -23.37 -9.04 -0.50
N TYR A 593 -24.66 -9.17 -0.78
CA TYR A 593 -25.21 -8.74 -2.06
C TYR A 593 -24.79 -7.32 -2.37
N TYR A 594 -24.96 -6.41 -1.43
CA TYR A 594 -24.63 -5.01 -1.73
C TYR A 594 -23.12 -4.75 -1.89
N TYR A 595 -22.28 -5.47 -1.14
CA TYR A 595 -20.83 -5.39 -1.34
C TYR A 595 -20.49 -5.77 -2.79
N LEU A 596 -21.01 -6.91 -3.22
CA LEU A 596 -20.72 -7.44 -4.56
C LEU A 596 -21.38 -6.60 -5.67
N LYS A 597 -22.56 -6.08 -5.39
CA LYS A 597 -23.22 -5.19 -6.37
C LYS A 597 -22.35 -3.94 -6.54
N LEU A 598 -21.84 -3.40 -5.43
CA LEU A 598 -21.02 -2.17 -5.47
C LEU A 598 -19.81 -2.44 -6.37
N ILE A 599 -19.15 -3.56 -6.09
CA ILE A 599 -18.02 -4.06 -6.93
C ILE A 599 -18.38 -4.26 -8.40
N SER A 600 -19.43 -5.02 -8.66
CA SER A 600 -19.89 -5.22 -10.04
C SER A 600 -20.21 -3.89 -10.75
N ASP A 601 -20.96 -3.00 -10.09
CA ASP A 601 -21.34 -1.71 -10.70
C ASP A 601 -20.13 -0.81 -10.94
N ARG A 602 -19.09 -0.92 -10.12
CA ARG A 602 -17.91 -0.08 -10.38
C ARG A 602 -17.07 -0.68 -11.49
N ALA A 603 -16.94 -2.02 -11.48
CA ALA A 603 -16.18 -2.74 -12.52
C ALA A 603 -16.81 -2.58 -13.89
N SER A 604 -18.14 -2.44 -13.94
CA SER A 604 -18.80 -2.17 -15.22
C SER A 604 -18.95 -0.69 -15.61
N GLY A 605 -18.56 0.24 -14.74
CA GLY A 605 -18.61 1.66 -15.11
C GLY A 605 -19.93 2.33 -14.76
N GLU A 606 -20.86 1.59 -14.18
CA GLU A 606 -22.13 2.14 -13.72
C GLU A 606 -22.02 3.06 -12.50
N LEU A 607 -20.99 2.88 -11.67
CA LEU A 607 -20.71 3.74 -10.52
C LEU A 607 -19.26 4.19 -10.62
N PRO A 608 -18.97 5.39 -10.17
CA PRO A 608 -17.61 5.94 -10.24
C PRO A 608 -16.61 5.36 -9.23
N THR A 609 -15.33 5.26 -9.60
CA THR A 609 -14.29 5.08 -8.58
C THR A 609 -14.24 6.32 -7.72
N THR A 610 -13.71 6.17 -6.50
CA THR A 610 -13.34 7.35 -5.71
C THR A 610 -12.48 8.31 -6.55
N ALA A 611 -11.51 7.79 -7.34
CA ALA A 611 -10.67 8.70 -8.13
C ALA A 611 -11.53 9.54 -9.10
N LYS A 612 -12.53 8.92 -9.71
CA LYS A 612 -13.39 9.59 -10.69
C LYS A 612 -14.31 10.61 -10.00
N PHE A 613 -15.00 10.17 -8.93
CA PHE A 613 -15.71 11.09 -8.05
C PHE A 613 -14.88 12.33 -7.65
N PHE A 614 -13.66 12.14 -7.15
CA PHE A 614 -12.80 13.29 -6.76
C PHE A 614 -12.50 14.17 -7.96
N ARG A 615 -12.15 13.57 -9.09
CA ARG A 615 -11.81 14.33 -10.29
C ARG A 615 -13.02 15.15 -10.80
N ASN A 616 -14.17 14.52 -10.98
CA ASN A 616 -15.40 15.23 -11.28
C ASN A 616 -15.56 16.39 -10.31
N PHE A 617 -15.42 16.14 -9.02
CA PHE A 617 -15.63 17.19 -8.04
C PHE A 617 -14.76 18.41 -8.38
N VAL A 618 -13.45 18.22 -8.55
CA VAL A 618 -12.58 19.34 -8.82
C VAL A 618 -12.95 20.09 -10.13
N LEU A 619 -13.33 19.32 -11.14
CA LEU A 619 -13.55 19.90 -12.46
C LEU A 619 -14.84 20.74 -12.49
N GLN A 620 -15.82 20.33 -11.68
CA GLN A 620 -17.13 20.97 -11.64
C GLN A 620 -17.22 22.03 -10.53
N HIS A 621 -16.11 22.28 -9.84
CA HIS A 621 -16.13 23.19 -8.72
C HIS A 621 -16.15 24.65 -9.21
N PRO A 622 -17.05 25.49 -8.63
CA PRO A 622 -17.22 26.86 -9.15
C PRO A 622 -15.94 27.66 -9.16
N ASP A 623 -14.96 27.31 -8.31
CA ASP A 623 -13.70 28.04 -8.20
C ASP A 623 -12.63 27.42 -9.06
N TYR A 624 -12.98 26.40 -9.86
CA TYR A 624 -11.93 25.71 -10.63
C TYR A 624 -11.48 26.61 -11.81
N LYS A 625 -10.17 26.74 -12.04
CA LYS A 625 -9.69 27.70 -13.05
C LYS A 625 -9.22 27.06 -14.35
N HIS A 626 -9.68 25.84 -14.63
CA HIS A 626 -9.43 25.15 -15.90
C HIS A 626 -7.97 25.03 -16.20
N ASP A 627 -7.16 24.98 -15.14
CA ASP A 627 -5.74 24.92 -15.19
C ASP A 627 -5.13 23.75 -14.37
N SER A 628 -5.96 22.77 -13.96
CA SER A 628 -5.46 21.60 -13.21
C SER A 628 -5.13 21.87 -11.74
N LYS A 629 -5.35 23.10 -11.26
CA LYS A 629 -4.94 23.43 -9.87
C LYS A 629 -6.06 23.18 -8.87
N ILE A 630 -5.70 22.52 -7.77
CA ILE A 630 -6.56 22.38 -6.64
C ILE A 630 -6.10 23.42 -5.61
N SER A 631 -6.97 24.38 -5.36
CA SER A 631 -6.73 25.47 -4.45
C SER A 631 -7.24 25.03 -3.06
N LYS A 632 -6.83 25.77 -2.03
CA LYS A 632 -7.20 25.50 -0.66
C LYS A 632 -8.73 25.41 -0.59
N SER A 633 -9.37 26.30 -1.34
CA SER A 633 -10.79 26.37 -1.32
C SER A 633 -11.40 25.08 -1.88
N ILE A 634 -10.90 24.64 -3.02
CA ILE A 634 -11.42 23.43 -3.66
C ILE A 634 -11.08 22.22 -2.74
N ASN A 635 -9.84 22.16 -2.27
CA ASN A 635 -9.45 21.10 -1.30
C ASN A 635 -10.40 21.01 -0.09
N TYR A 636 -10.70 22.17 0.54
CA TYR A 636 -11.61 22.27 1.68
C TYR A 636 -12.97 21.70 1.42
N ASP A 637 -13.60 22.15 0.34
CA ASP A 637 -14.90 21.63 -0.04
C ASP A 637 -14.88 20.15 -0.40
N LEU A 638 -13.84 19.73 -1.12
CA LEU A 638 -13.68 18.32 -1.47
C LEU A 638 -13.62 17.53 -0.16
N LEU A 639 -12.72 17.91 0.76
CA LEU A 639 -12.63 17.12 1.96
C LEU A 639 -13.84 17.24 2.86
N SER A 640 -14.59 18.36 2.78
CA SER A 640 -15.83 18.42 3.51
C SER A 640 -16.78 17.39 2.96
N THR A 641 -16.89 17.30 1.63
CA THR A 641 -17.73 16.27 1.01
C THR A 641 -17.26 14.88 1.51
N CYS A 642 -15.94 14.66 1.57
CA CYS A 642 -15.44 13.36 1.97
C CYS A 642 -15.90 13.04 3.39
N ASP A 643 -15.92 14.07 4.25
CA ASP A 643 -16.33 13.91 5.62
C ASP A 643 -17.80 13.48 5.65
N ARG A 644 -18.65 14.18 4.90
CA ARG A 644 -20.05 13.78 4.83
C ARG A 644 -20.21 12.40 4.26
N LEU A 645 -19.48 12.11 3.19
CA LEU A 645 -19.60 10.75 2.60
C LEU A 645 -19.24 9.68 3.63
N THR A 646 -18.09 9.87 4.29
CA THR A 646 -17.64 8.92 5.31
C THR A 646 -18.74 8.59 6.34
N HIS A 647 -19.55 9.61 6.67
CA HIS A 647 -20.55 9.54 7.75
C HIS A 647 -21.95 9.29 7.23
N LEU A 648 -22.01 8.95 5.94
CA LEU A 648 -23.24 8.55 5.24
C LEU A 648 -24.24 9.69 5.27
N ASP A 649 -23.74 10.90 5.20
CA ASP A 649 -24.59 12.06 5.29
C ASP A 649 -25.02 12.50 3.87
N ASP A 650 -26.27 12.17 3.52
CA ASP A 650 -26.80 12.48 2.18
C ASP A 650 -27.58 13.81 2.09
N SER A 651 -27.45 14.66 3.11
CA SER A 651 -28.23 15.92 3.14
C SER A 651 -27.98 16.79 1.89
N LYS A 652 -26.82 16.61 1.23
CA LYS A 652 -26.55 17.33 -0.01
C LYS A 652 -26.63 16.37 -1.21
N GLY A 653 -27.21 15.18 -1.00
CA GLY A 653 -27.32 14.17 -2.07
C GLY A 653 -25.97 13.60 -2.52
N GLU A 654 -24.91 13.89 -1.79
CA GLU A 654 -23.56 13.47 -2.19
C GLU A 654 -23.39 11.94 -2.14
N LEU A 655 -23.97 11.29 -1.15
CA LEU A 655 -23.89 9.84 -1.02
C LEU A 655 -24.69 9.16 -2.16
N THR A 656 -25.89 9.67 -2.44
CA THR A 656 -26.62 9.19 -3.62
C THR A 656 -25.83 9.44 -4.92
N SER A 657 -25.19 10.59 -5.03
CA SER A 657 -24.45 10.85 -6.24
C SER A 657 -23.27 9.85 -6.44
N PHE A 658 -22.61 9.48 -5.32
CA PHE A 658 -21.44 8.61 -5.32
C PHE A 658 -21.78 7.15 -5.36
N LEU A 659 -22.68 6.71 -4.49
CA LEU A 659 -23.06 5.27 -4.50
C LEU A 659 -24.24 4.94 -5.39
N GLY A 660 -24.87 5.94 -6.00
CA GLY A 660 -26.18 5.65 -6.61
C GLY A 660 -27.26 5.43 -5.54
N ALA A 661 -28.50 5.66 -5.93
CA ALA A 661 -29.60 5.66 -4.97
C ALA A 661 -29.75 4.33 -4.24
N GLU A 662 -29.67 3.23 -4.97
CA GLU A 662 -30.07 1.98 -4.36
C GLU A 662 -29.08 1.62 -3.26
N ILE A 663 -27.79 1.64 -3.60
CA ILE A 663 -26.76 1.38 -2.57
C ILE A 663 -26.83 2.44 -1.44
N ALA A 664 -26.97 3.72 -1.80
CA ALA A 664 -26.99 4.77 -0.80
C ALA A 664 -28.15 4.55 0.16
N GLU A 665 -29.31 4.19 -0.34
CA GLU A 665 -30.47 4.02 0.51
C GLU A 665 -30.19 2.85 1.41
N TYR A 666 -29.58 1.83 0.84
CA TYR A 666 -29.34 0.60 1.59
C TYR A 666 -28.47 0.89 2.80
N VAL A 667 -27.32 1.56 2.60
CA VAL A 667 -26.34 1.74 3.68
C VAL A 667 -26.82 2.75 4.69
N LYS A 668 -27.55 3.77 4.21
CA LYS A 668 -28.22 4.72 5.08
C LYS A 668 -29.25 4.03 5.96
N LYS A 669 -29.77 2.88 5.54
CA LYS A 669 -30.81 2.26 6.36
C LYS A 669 -30.50 0.94 7.01
N ASN A 670 -29.28 0.47 6.82
CA ASN A 670 -28.88 -0.83 7.30
C ASN A 670 -27.44 -0.77 7.77
N LYS A 671 -27.26 -0.93 9.07
CA LYS A 671 -25.99 -0.99 9.71
C LYS A 671 -25.44 -2.37 9.56
N PRO A 672 -24.12 -2.51 9.55
CA PRO A 672 -23.54 -3.85 9.53
C PRO A 672 -23.82 -4.57 10.87
N SER A 673 -24.10 -5.87 10.83
CA SER A 673 -24.44 -6.62 12.04
C SER A 673 -24.03 -8.08 11.90
#